data_3WAV
#
_entry.id   3WAV
#
_cell.length_a   61.505
_cell.length_b   94.015
_cell.length_c   75.446
_cell.angle_alpha   90.000
_cell.angle_beta   94.520
_cell.angle_gamma   90.000
#
_symmetry.space_group_name_H-M   'P 1 21 1'
#
loop_
_entity.id
_entity.type
_entity.pdbx_description
1 polymer 'Ectonucleotide pyrophosphatase/phosphodiesterase family member 2'
2 branched 2-acetamido-2-deoxy-beta-D-glucopyranose-(1-4)-2-acetamido-2-deoxy-beta-D-glucopyranose
3 branched alpha-D-mannopyranose-(1-2)-alpha-D-mannopyranose-(1-3)-alpha-D-mannopyranose-(1-6)-beta-D-mannopyranose-(1-4)-2-acetamido-2-deoxy-beta-D-glucopyranose-(1-4)-2-acetamido-2-deoxy-beta-D-glucopyranose
4 non-polymer 'ZINC ION'
5 non-polymer 'CALCIUM ION'
6 non-polymer 'SODIUM ION'
7 non-polymer 'POTASSIUM ION'
8 non-polymer 'THIOCYANATE ION'
9 non-polymer 1,2-ETHANEDIOL
10 non-polymer 'SULFATE ION'
11 non-polymer (5Z)-5-(3,4-dichlorobenzylidene)-2-(4-methylpiperazin-1-yl)-1,3-thiazol-4(5H)-one
12 water water
#
_entity_poly.entity_id   1
_entity_poly.type   'polypeptide(L)'
_entity_poly.pdbx_seq_one_letter_code
;AEWDEGPPTVLSDSPWTNTSGSCKGRCFELQEVGPPDCRCDNLCKSYSSCCHDFDELCLKTARGWECTKDRCGEVRNEEN
ACHCSEDCLSRGDCCTNYQVVCKGESHWVDDDCEEIRVPECPAGFVRPPLIIFSVDGFRASYMKKGSKVMPNIEKLRSCG
THAPYMRPVYPTKTFPNLYTLATGLYPESHGIVGNSMYDPVFDATFHLRGREKFNHRWWGGQPLWITATKQGVRAGTFFW
SVSIPHERRILTILQWLSLPDNERPSVYAFYSEQPDFSGHKYGPFGPEMTNPLREIDKTVGQLMDGLKQLKLHRCVNVIF
VGDHGMEDVTCDRTEFLSNYLTNVDDITLVPGTLGRIRPKIPNNLKYDPKAIIANLTCKKPDQHFKPYMKQHLPKRLHYA
NNRRIEDLHLLVERRWHVARKPLDVYKKPSGKCFFQGDHGFDNKVNSMQTVFVGYGPTFKYRTKVPPFENIELYNVMCDL
LGLKPAPNNGTHGSLNHLLRTNTFRPTLPEEVSRPNYPGIMYLQSDFDLGCTCDDKNKLEELNKRLHTKGSTEERHLLYG
RPAVLYRTSYDILYHTDFESGYSEIFLMPLWTSYTISKQAEVSSIPEHLTNCVRPDVRVSPGFSQNCLAYKNDKQMSYGF
LFPPYLSSSPEAKYDAFLVTNMVPMYPAFKRVWTYFQRVLVKKYASERNGVNVISGPIFDYNYNGLRDIEDEIKQYVEGS
SIPVPTHYYSIITSCLDFTQPADKCDGPLSVSSFILPHRPDNDESCNSSEDESKWVEELMKMHTARVRDIEHLTGLDFYR
KTSRSYSEILTLKTYLHTYESEISRENLYFQ
;
_entity_poly.pdbx_strand_id   A
#
loop_
_chem_comp.id
_chem_comp.type
_chem_comp.name
_chem_comp.formula
BMA D-saccharide, beta linking beta-D-mannopyranose 'C6 H12 O6'
CA non-polymer 'CALCIUM ION' 'Ca 2'
DWV non-polymer (5Z)-5-(3,4-dichlorobenzylidene)-2-(4-methylpiperazin-1-yl)-1,3-thiazol-4(5H)-one 'C15 H15 Cl2 N3 O S'
EDO non-polymer 1,2-ETHANEDIOL 'C2 H6 O2'
K non-polymer 'POTASSIUM ION' 'K 1'
MAN D-saccharide, alpha linking alpha-D-mannopyranose 'C6 H12 O6'
NA non-polymer 'SODIUM ION' 'Na 1'
NAG D-saccharide, beta linking 2-acetamido-2-deoxy-beta-D-glucopyranose 'C8 H15 N O6'
SCN non-polymer 'THIOCYANATE ION' 'C N S -1'
SO4 non-polymer 'SULFATE ION' 'O4 S -2'
ZN non-polymer 'ZINC ION' 'Zn 2'
#
# COMPACT_ATOMS: atom_id res chain seq x y z
N TRP A 16 -14.72 -36.86 10.82
CA TRP A 16 -14.37 -37.36 12.15
C TRP A 16 -12.89 -37.71 12.23
N THR A 17 -12.28 -37.45 13.39
CA THR A 17 -10.87 -37.75 13.60
C THR A 17 -10.67 -38.79 14.70
N ASN A 18 -9.94 -39.85 14.37
CA ASN A 18 -9.63 -40.92 15.31
C ASN A 18 -8.48 -40.50 16.24
N THR A 19 -8.85 -39.91 17.37
CA THR A 19 -7.88 -39.35 18.32
C THR A 19 -6.98 -40.39 19.01
N SER A 20 -7.39 -41.66 18.94
CA SER A 20 -6.66 -42.70 19.67
C SER A 20 -5.32 -43.05 19.06
N GLY A 21 -4.99 -42.42 17.93
CA GLY A 21 -3.69 -42.57 17.32
C GLY A 21 -2.61 -41.95 18.20
N SER A 22 -1.36 -42.05 17.77
CA SER A 22 -0.25 -41.51 18.55
C SER A 22 0.66 -40.58 17.75
N CYS A 23 1.23 -39.60 18.45
CA CYS A 23 2.15 -38.64 17.85
C CYS A 23 3.61 -39.06 18.04
N LYS A 24 3.84 -40.28 18.51
CA LYS A 24 5.21 -40.76 18.68
C LYS A 24 5.96 -40.71 17.34
N GLY A 25 7.09 -40.03 17.32
CA GLY A 25 7.87 -39.88 16.11
C GLY A 25 7.16 -39.06 15.05
N ARG A 26 6.23 -38.21 15.48
CA ARG A 26 5.45 -37.42 14.55
C ARG A 26 5.23 -35.98 15.01
N CYS A 27 5.83 -35.60 16.14
CA CYS A 27 5.63 -34.24 16.67
C CYS A 27 5.96 -33.18 15.62
N PHE A 28 5.01 -32.28 15.41
CA PHE A 28 5.16 -31.19 14.42
C PHE A 28 5.62 -31.68 13.06
N GLU A 29 5.05 -32.77 12.60
CA GLU A 29 5.41 -33.29 11.30
C GLU A 29 4.91 -32.35 10.23
N LEU A 30 5.58 -32.38 9.08
CA LEU A 30 5.17 -31.56 7.94
C LEU A 30 4.27 -32.38 7.03
N GLN A 31 3.92 -33.58 7.48
CA GLN A 31 2.98 -34.46 6.80
C GLN A 31 1.61 -33.83 6.61
N GLU A 32 1.11 -33.86 5.37
CA GLU A 32 -0.27 -33.50 5.10
C GLU A 32 -1.16 -34.66 5.54
N VAL A 33 -1.69 -34.56 6.75
CA VAL A 33 -2.50 -35.63 7.34
C VAL A 33 -3.96 -35.21 7.45
N GLY A 34 -4.83 -35.96 6.78
CA GLY A 34 -6.25 -35.68 6.78
C GLY A 34 -7.06 -36.79 7.43
N PRO A 35 -8.26 -36.47 7.91
CA PRO A 35 -9.17 -37.39 8.61
C PRO A 35 -9.40 -38.69 7.85
N PRO A 36 -9.71 -39.79 8.56
CA PRO A 36 -9.93 -39.88 10.01
C PRO A 36 -8.63 -39.87 10.83
N ASP A 37 -7.50 -39.81 10.13
CA ASP A 37 -6.20 -39.90 10.77
C ASP A 37 -5.94 -38.83 11.83
N CYS A 38 -5.13 -39.20 12.80
CA CYS A 38 -4.76 -38.37 13.94
C CYS A 38 -3.66 -37.37 13.54
N ARG A 39 -3.78 -36.11 13.94
CA ARG A 39 -2.82 -35.09 13.52
C ARG A 39 -1.83 -34.65 14.62
N CYS A 40 -0.67 -34.17 14.21
CA CYS A 40 0.35 -33.78 15.17
C CYS A 40 1.09 -32.51 14.74
N ASP A 41 0.48 -31.73 13.85
CA ASP A 41 1.12 -30.54 13.29
C ASP A 41 0.81 -29.30 14.13
N ASN A 42 1.47 -28.19 13.82
CA ASN A 42 1.32 -27.00 14.66
C ASN A 42 -0.07 -26.36 14.60
N LEU A 43 -0.94 -26.90 13.75
CA LEU A 43 -2.33 -26.44 13.67
C LEU A 43 -3.37 -27.44 14.17
N CYS A 44 -2.96 -28.58 14.71
CA CYS A 44 -3.95 -29.59 15.04
C CYS A 44 -4.89 -29.14 16.15
N LYS A 45 -4.37 -28.41 17.14
CA LYS A 45 -5.21 -27.94 18.24
C LYS A 45 -6.32 -27.02 17.74
N SER A 46 -6.03 -26.25 16.70
CA SER A 46 -6.99 -25.34 16.10
C SER A 46 -8.12 -26.07 15.38
N TYR A 47 -7.87 -27.31 14.98
CA TYR A 47 -8.90 -28.11 14.31
C TYR A 47 -9.45 -29.18 15.25
N SER A 48 -9.01 -29.14 16.50
CA SER A 48 -9.37 -30.15 17.50
C SER A 48 -9.14 -31.59 17.00
N SER A 49 -8.06 -31.79 16.25
CA SER A 49 -7.80 -33.09 15.65
C SER A 49 -6.46 -33.70 16.09
N CYS A 50 -5.92 -33.21 17.20
CA CYS A 50 -4.65 -33.74 17.70
C CYS A 50 -4.82 -35.14 18.26
N CYS A 51 -3.78 -35.95 18.16
CA CYS A 51 -3.77 -37.24 18.84
C CYS A 51 -3.86 -37.02 20.34
N HIS A 52 -4.32 -38.03 21.08
CA HIS A 52 -4.54 -37.90 22.51
C HIS A 52 -3.25 -37.56 23.23
N ASP A 53 -2.12 -37.97 22.66
CA ASP A 53 -0.82 -37.78 23.30
C ASP A 53 0.00 -36.63 22.70
N PHE A 54 -0.64 -35.80 21.88
CA PHE A 54 0.03 -34.65 21.29
C PHE A 54 0.59 -33.74 22.36
N ASP A 55 -0.25 -33.38 23.32
CA ASP A 55 0.15 -32.44 24.36
C ASP A 55 1.28 -32.97 25.25
N GLU A 56 1.29 -34.27 25.51
CA GLU A 56 2.32 -34.85 26.38
C GLU A 56 3.61 -35.18 25.65
N LEU A 57 3.53 -35.50 24.37
CA LEU A 57 4.70 -35.85 23.58
C LEU A 57 5.33 -34.66 22.84
N CYS A 58 4.51 -33.70 22.44
CA CYS A 58 4.97 -32.64 21.56
C CYS A 58 5.05 -31.26 22.22
N LEU A 59 4.29 -31.05 23.29
CA LEU A 59 4.31 -29.76 23.99
C LEU A 59 5.01 -29.85 25.35
N LYS A 60 6.13 -30.54 25.39
CA LYS A 60 6.88 -30.72 26.63
C LYS A 60 7.36 -29.38 27.19
N THR A 61 7.35 -29.27 28.52
CA THR A 61 7.66 -28.01 29.17
C THR A 61 8.65 -28.17 30.32
N ALA A 62 9.02 -29.43 30.61
CA ALA A 62 9.82 -29.77 31.78
C ALA A 62 11.17 -29.06 31.85
N ARG A 63 11.34 -28.31 32.94
CA ARG A 63 12.60 -27.64 33.29
C ARG A 63 12.87 -26.38 32.47
N GLY A 64 11.82 -25.84 31.86
CA GLY A 64 11.91 -24.58 31.15
C GLY A 64 12.61 -24.66 29.81
N TRP A 65 13.13 -23.53 29.36
CA TRP A 65 13.60 -23.36 27.99
C TRP A 65 15.08 -23.03 27.88
N GLU A 66 15.78 -23.04 29.01
CA GLU A 66 17.18 -22.65 29.01
C GLU A 66 18.03 -23.65 29.78
N CYS A 67 19.19 -23.99 29.21
CA CYS A 67 20.18 -24.81 29.90
C CYS A 67 20.71 -24.05 31.10
N THR A 68 21.02 -24.78 32.18
CA THR A 68 21.76 -24.22 33.29
C THR A 68 23.05 -25.02 33.47
N LYS A 69 24.00 -24.47 34.21
CA LYS A 69 25.29 -25.13 34.43
C LYS A 69 25.13 -26.55 34.96
N ASP A 70 24.14 -26.76 35.81
CA ASP A 70 23.91 -28.06 36.43
C ASP A 70 23.31 -29.08 35.46
N ARG A 71 22.93 -28.64 34.27
CA ARG A 71 22.35 -29.55 33.29
C ARG A 71 23.36 -29.96 32.22
N CYS A 72 24.50 -29.27 32.19
CA CYS A 72 25.51 -29.51 31.17
C CYS A 72 26.02 -30.95 31.21
N GLY A 73 25.91 -31.65 30.08
CA GLY A 73 26.34 -33.04 29.99
C GLY A 73 25.44 -34.01 30.72
N GLU A 74 24.20 -33.60 30.96
CA GLU A 74 23.23 -34.46 31.63
C GLU A 74 22.93 -35.72 30.83
N VAL A 75 22.28 -36.69 31.47
CA VAL A 75 21.74 -37.81 30.74
C VAL A 75 20.45 -37.35 30.07
N ARG A 76 20.35 -37.63 28.77
CA ARG A 76 19.19 -37.25 27.99
C ARG A 76 17.89 -37.81 28.57
N ASN A 77 17.08 -36.91 29.14
CA ASN A 77 15.73 -37.26 29.56
C ASN A 77 14.73 -36.71 28.54
N GLU A 78 14.01 -37.60 27.87
CA GLU A 78 13.08 -37.21 26.84
C GLU A 78 11.84 -36.47 27.38
N GLU A 79 11.80 -36.25 28.69
CA GLU A 79 10.70 -35.55 29.30
C GLU A 79 10.91 -34.03 29.25
N ASN A 80 12.16 -33.61 29.13
CA ASN A 80 12.50 -32.19 29.14
C ASN A 80 12.07 -31.45 27.89
N ALA A 81 11.76 -30.16 28.06
CA ALA A 81 11.31 -29.31 26.96
C ALA A 81 12.40 -29.19 25.92
N CYS A 82 13.62 -28.93 26.38
CA CYS A 82 14.78 -28.92 25.52
C CYS A 82 15.94 -29.59 26.26
N HIS A 83 17.08 -29.79 25.60
CA HIS A 83 18.12 -30.64 26.18
C HIS A 83 19.47 -29.98 26.31
N CYS A 84 20.26 -30.48 27.25
CA CYS A 84 21.61 -29.98 27.50
C CYS A 84 22.58 -31.16 27.54
N SER A 85 22.12 -32.28 26.99
CA SER A 85 22.91 -33.49 26.90
C SER A 85 23.98 -33.35 25.83
N GLU A 86 25.05 -34.12 25.95
CA GLU A 86 26.15 -34.05 24.99
C GLU A 86 25.70 -34.31 23.54
N ASP A 87 24.66 -35.13 23.37
CA ASP A 87 24.24 -35.53 22.03
C ASP A 87 23.25 -34.58 21.39
N CYS A 88 22.75 -33.61 22.16
CA CYS A 88 21.63 -32.77 21.72
C CYS A 88 21.92 -32.03 20.42
N LEU A 89 23.17 -31.66 20.22
CA LEU A 89 23.58 -30.87 19.06
C LEU A 89 23.28 -31.55 17.72
N SER A 90 23.73 -32.80 17.57
CA SER A 90 23.47 -33.57 16.36
C SER A 90 22.00 -34.00 16.31
N ARG A 91 21.37 -34.06 17.48
CA ARG A 91 19.97 -34.44 17.58
C ARG A 91 19.06 -33.26 17.22
N GLY A 92 19.62 -32.06 17.27
CA GLY A 92 18.91 -30.85 16.86
C GLY A 92 17.88 -30.31 17.85
N ASP A 93 17.99 -30.70 19.12
CA ASP A 93 17.04 -30.24 20.12
C ASP A 93 17.67 -29.75 21.42
N CYS A 94 18.82 -29.10 21.32
CA CYS A 94 19.39 -28.39 22.46
C CYS A 94 18.52 -27.18 22.77
N CYS A 95 18.50 -26.77 24.03
CA CYS A 95 18.04 -25.43 24.39
C CYS A 95 18.91 -24.48 23.60
N THR A 96 18.39 -23.30 23.27
CA THR A 96 19.11 -22.42 22.34
C THR A 96 20.39 -21.83 22.93
N ASN A 97 20.47 -21.80 24.27
CA ASN A 97 21.63 -21.25 24.96
C ASN A 97 22.62 -22.33 25.42
N TYR A 98 22.41 -23.56 24.96
CA TYR A 98 23.24 -24.70 25.34
C TYR A 98 24.74 -24.43 25.26
N GLN A 99 25.21 -24.01 24.09
CA GLN A 99 26.64 -23.79 23.88
C GLN A 99 27.23 -22.66 24.72
N VAL A 100 26.44 -21.62 24.96
CA VAL A 100 26.88 -20.53 25.82
C VAL A 100 27.07 -21.01 27.26
N VAL A 101 26.09 -21.76 27.76
CA VAL A 101 26.13 -22.22 29.13
C VAL A 101 27.12 -23.37 29.35
N CYS A 102 27.22 -24.26 28.35
CA CYS A 102 27.94 -25.52 28.53
C CYS A 102 29.24 -25.65 27.73
N LYS A 103 29.47 -24.76 26.78
CA LYS A 103 30.61 -24.90 25.87
C LYS A 103 31.39 -23.61 25.67
N GLY A 104 31.17 -22.63 26.55
CA GLY A 104 31.93 -21.39 26.53
C GLY A 104 31.73 -20.46 25.34
N GLU A 105 30.67 -20.67 24.56
CA GLU A 105 30.38 -19.74 23.46
C GLU A 105 29.70 -18.46 23.93
N SER A 106 29.67 -17.45 23.06
CA SER A 106 29.01 -16.20 23.35
C SER A 106 27.63 -16.17 22.69
N HIS A 107 26.69 -15.44 23.29
CA HIS A 107 25.41 -15.17 22.62
C HIS A 107 25.67 -14.44 21.30
N TRP A 108 24.79 -14.66 20.32
CA TRP A 108 24.91 -14.03 19.02
C TRP A 108 24.96 -12.52 19.14
N VAL A 109 24.18 -11.99 20.07
CA VAL A 109 24.04 -10.55 20.21
C VAL A 109 25.34 -9.89 20.67
N ASP A 110 26.19 -10.64 21.36
CA ASP A 110 27.45 -10.11 21.88
C ASP A 110 28.56 -10.16 20.84
N ASP A 111 28.30 -10.84 19.73
CA ASP A 111 29.25 -10.91 18.64
C ASP A 111 29.22 -9.65 17.79
N ASP A 112 30.41 -9.22 17.38
CA ASP A 112 30.51 -8.05 16.55
C ASP A 112 29.83 -8.30 15.22
N CYS A 113 29.24 -7.24 14.67
CA CYS A 113 28.63 -7.34 13.36
CA CYS A 113 28.63 -7.31 13.36
C CYS A 113 29.70 -7.46 12.29
N GLU A 114 29.47 -8.36 11.35
CA GLU A 114 30.42 -8.61 10.29
C GLU A 114 29.63 -8.87 9.03
N GLU A 115 30.05 -8.25 7.93
CA GLU A 115 29.33 -8.38 6.69
C GLU A 115 29.29 -9.83 6.20
N ILE A 116 28.11 -10.25 5.76
CA ILE A 116 27.95 -11.56 5.17
C ILE A 116 27.82 -11.37 3.66
N ARG A 117 28.94 -11.53 2.95
CA ARG A 117 28.98 -11.24 1.52
C ARG A 117 28.46 -12.37 0.64
N VAL A 118 28.58 -13.60 1.11
CA VAL A 118 27.95 -14.74 0.47
C VAL A 118 27.40 -15.66 1.54
N PRO A 119 26.42 -16.51 1.19
CA PRO A 119 25.95 -17.41 2.24
C PRO A 119 27.04 -18.38 2.69
N GLU A 120 27.14 -18.54 4.01
CA GLU A 120 28.01 -19.52 4.62
C GLU A 120 27.13 -20.59 5.24
N CYS A 121 26.78 -21.59 4.42
CA CYS A 121 25.84 -22.62 4.79
C CYS A 121 26.55 -23.96 4.93
N PRO A 122 26.02 -24.85 5.77
CA PRO A 122 26.55 -26.21 5.87
C PRO A 122 26.37 -26.96 4.55
N ALA A 123 27.13 -28.03 4.35
CA ALA A 123 26.97 -28.85 3.15
C ALA A 123 25.57 -29.43 3.15
N GLY A 124 24.97 -29.51 1.98
CA GLY A 124 23.61 -30.00 1.88
C GLY A 124 22.62 -28.86 1.71
N PHE A 125 23.03 -27.66 2.09
CA PHE A 125 22.18 -26.48 1.87
C PHE A 125 22.43 -25.92 0.47
N VAL A 126 21.38 -25.89 -0.34
CA VAL A 126 21.48 -25.51 -1.74
C VAL A 126 21.24 -24.02 -1.91
N ARG A 127 20.52 -23.43 -0.96
CA ARG A 127 20.14 -22.03 -1.01
C ARG A 127 19.94 -21.55 0.42
N PRO A 128 20.09 -20.23 0.67
CA PRO A 128 19.85 -19.73 2.02
C PRO A 128 18.37 -19.87 2.38
N PRO A 129 18.05 -20.53 3.49
CA PRO A 129 16.65 -20.57 3.91
C PRO A 129 16.15 -19.16 4.26
N LEU A 130 14.83 -18.98 4.21
CA LEU A 130 14.21 -17.71 4.56
C LEU A 130 13.37 -17.89 5.82
N ILE A 131 13.61 -17.07 6.84
CA ILE A 131 12.77 -17.12 8.03
C ILE A 131 12.06 -15.77 8.19
N ILE A 132 10.73 -15.79 8.24
CA ILE A 132 9.96 -14.58 8.37
C ILE A 132 9.50 -14.51 9.81
N PHE A 133 9.94 -13.48 10.51
CA PHE A 133 9.64 -13.35 11.92
C PHE A 133 8.63 -12.19 12.01
N SER A 134 7.34 -12.51 12.15
CA SER A 134 6.30 -11.48 12.18
CA SER A 134 6.30 -11.49 12.18
C SER A 134 5.89 -11.12 13.60
N VAL A 135 5.77 -9.82 13.85
CA VAL A 135 5.35 -9.34 15.15
C VAL A 135 4.09 -8.49 14.98
N ASP A 136 3.09 -8.81 15.75
CA ASP A 136 1.80 -8.17 15.62
C ASP A 136 1.81 -6.82 16.33
N GLY A 137 1.41 -5.78 15.61
CA GLY A 137 1.18 -4.48 16.23
C GLY A 137 2.45 -3.75 16.64
N PHE A 138 3.55 -4.11 16.01
CA PHE A 138 4.85 -3.48 16.26
C PHE A 138 4.98 -2.15 15.51
N ARG A 139 4.66 -1.08 16.21
CA ARG A 139 4.74 0.26 15.66
C ARG A 139 6.18 0.60 15.31
N ALA A 140 6.37 1.26 14.17
CA ALA A 140 7.72 1.52 13.67
C ALA A 140 8.53 2.29 14.71
N SER A 141 7.89 3.21 15.41
CA SER A 141 8.60 4.05 16.37
C SER A 141 9.09 3.28 17.61
N TYR A 142 8.62 2.06 17.84
CA TYR A 142 9.17 1.24 18.93
C TYR A 142 10.65 0.95 18.74
N MET A 143 11.11 0.97 17.49
CA MET A 143 12.49 0.65 17.18
C MET A 143 13.43 1.65 17.83
N LYS A 144 12.96 2.87 18.04
CA LYS A 144 13.74 3.91 18.72
C LYS A 144 14.16 3.53 20.13
N LYS A 145 13.44 2.61 20.77
CA LYS A 145 13.80 2.17 22.11
C LYS A 145 15.18 1.47 22.11
N GLY A 146 15.59 1.01 20.93
CA GLY A 146 16.98 0.62 20.71
C GLY A 146 17.47 -0.55 21.54
N SER A 147 18.80 -0.72 21.56
CA SER A 147 19.42 -1.88 22.19
C SER A 147 19.28 -1.86 23.69
N LYS A 148 18.89 -0.72 24.24
CA LYS A 148 18.59 -0.66 25.66
C LYS A 148 17.51 -1.66 25.98
N VAL A 149 16.56 -1.80 25.06
CA VAL A 149 15.38 -2.62 25.34
C VAL A 149 15.41 -3.87 24.48
N MET A 150 15.88 -3.72 23.24
CA MET A 150 15.84 -4.80 22.25
C MET A 150 17.18 -4.99 21.57
N PRO A 151 18.19 -5.49 22.31
CA PRO A 151 19.54 -5.56 21.72
C PRO A 151 19.64 -6.51 20.52
N ASN A 152 18.94 -7.64 20.56
CA ASN A 152 19.02 -8.56 19.42
C ASN A 152 18.41 -7.93 18.16
N ILE A 153 17.23 -7.33 18.34
CA ILE A 153 16.55 -6.70 17.21
C ILE A 153 17.36 -5.50 16.71
N GLU A 154 17.91 -4.74 17.64
CA GLU A 154 18.77 -3.63 17.27
C GLU A 154 19.98 -4.09 16.46
N LYS A 155 20.53 -5.25 16.79
CA LYS A 155 21.64 -5.79 15.98
C LYS A 155 21.18 -6.15 14.57
N LEU A 156 20.05 -6.85 14.44
CA LEU A 156 19.49 -7.09 13.12
C LEU A 156 19.30 -5.79 12.33
N ARG A 157 18.73 -4.78 12.99
CA ARG A 157 18.39 -3.54 12.32
C ARG A 157 19.63 -2.78 11.87
N SER A 158 20.57 -2.58 12.79
CA SER A 158 21.75 -1.78 12.47
C SER A 158 22.72 -2.49 11.52
N CYS A 159 22.81 -3.81 11.60
CA CYS A 159 23.77 -4.51 10.78
CA CYS A 159 23.77 -4.57 10.81
C CYS A 159 23.23 -4.99 9.44
N GLY A 160 21.91 -5.15 9.37
CA GLY A 160 21.29 -5.54 8.12
C GLY A 160 20.75 -4.37 7.34
N THR A 161 19.62 -4.62 6.68
CA THR A 161 18.95 -3.61 5.86
C THR A 161 17.68 -3.23 6.58
N HIS A 162 17.46 -1.94 6.81
CA HIS A 162 16.21 -1.52 7.44
C HIS A 162 15.54 -0.34 6.73
N ALA A 163 14.22 -0.27 6.84
CA ALA A 163 13.45 0.91 6.47
C ALA A 163 13.12 1.65 7.76
N PRO A 164 12.96 2.99 7.69
CA PRO A 164 12.50 3.71 8.89
C PRO A 164 11.08 3.24 9.28
N TYR A 165 10.32 2.77 8.28
CA TYR A 165 9.03 2.15 8.55
C TYR A 165 8.52 1.51 7.29
N MET A 166 7.49 0.68 7.46
CA MET A 166 6.82 0.03 6.36
C MET A 166 5.33 0.36 6.47
N ARG A 167 4.72 0.71 5.34
CA ARG A 167 3.30 1.08 5.26
C ARG A 167 2.46 -0.18 5.13
N PRO A 168 1.52 -0.38 6.06
CA PRO A 168 0.57 -1.51 5.99
C PRO A 168 -0.53 -1.21 4.99
N VAL A 169 -1.45 -2.16 4.74
CA VAL A 169 -2.64 -1.83 3.96
C VAL A 169 -3.80 -1.42 4.87
N TYR A 170 -4.76 -0.72 4.27
CA TYR A 170 -5.98 -0.34 4.96
C TYR A 170 -7.02 -1.44 4.73
N PRO A 171 -7.80 -1.78 5.78
CA PRO A 171 -7.68 -1.26 7.15
C PRO A 171 -6.46 -1.81 7.85
N THR A 172 -5.92 -1.01 8.76
CA THR A 172 -4.66 -1.37 9.37
C THR A 172 -4.87 -2.31 10.58
N LYS A 173 -5.43 -3.48 10.27
CA LYS A 173 -5.72 -4.55 11.20
C LYS A 173 -4.99 -5.82 10.80
N THR A 174 -4.99 -6.81 11.67
CA THR A 174 -4.18 -8.00 11.50
C THR A 174 -4.46 -8.89 10.31
N PHE A 175 -5.70 -9.38 10.21
CA PHE A 175 -5.98 -10.33 9.13
C PHE A 175 -5.74 -9.75 7.71
N PRO A 176 -6.24 -8.54 7.43
CA PRO A 176 -5.95 -7.99 6.10
C PRO A 176 -4.46 -7.83 5.84
N ASN A 177 -3.70 -7.43 6.86
CA ASN A 177 -2.30 -7.20 6.62
C ASN A 177 -1.43 -8.43 6.56
N LEU A 178 -1.71 -9.42 7.39
CA LEU A 178 -0.95 -10.66 7.32
C LEU A 178 -1.19 -11.32 5.97
N TYR A 179 -2.44 -11.30 5.48
CA TYR A 179 -2.67 -11.96 4.20
C TYR A 179 -2.12 -11.16 3.02
N THR A 180 -2.08 -9.84 3.17
CA THR A 180 -1.44 -8.99 2.18
C THR A 180 0.06 -9.31 2.11
N LEU A 181 0.70 -9.44 3.26
CA LEU A 181 2.12 -9.82 3.30
C LEU A 181 2.36 -11.13 2.57
N ALA A 182 1.45 -12.09 2.78
CA ALA A 182 1.60 -13.44 2.21
C ALA A 182 1.32 -13.48 0.72
N THR A 183 0.55 -12.52 0.19
CA THR A 183 0.09 -12.60 -1.19
C THR A 183 0.55 -11.49 -2.15
N GLY A 184 1.01 -10.37 -1.62
CA GLY A 184 1.28 -9.20 -2.44
C GLY A 184 0.04 -8.48 -2.95
N LEU A 185 -1.13 -8.81 -2.40
CA LEU A 185 -2.37 -8.27 -2.94
C LEU A 185 -3.03 -7.25 -2.00
N TYR A 186 -3.73 -6.27 -2.57
CA TYR A 186 -4.67 -5.47 -1.78
C TYR A 186 -5.77 -6.38 -1.22
N PRO A 187 -6.27 -6.04 -0.02
CA PRO A 187 -7.40 -6.76 0.57
C PRO A 187 -8.60 -6.87 -0.37
N GLU A 188 -8.88 -5.85 -1.20
CA GLU A 188 -10.04 -5.90 -2.08
C GLU A 188 -9.85 -7.04 -3.09
N SER A 189 -8.58 -7.39 -3.33
CA SER A 189 -8.24 -8.49 -4.22
C SER A 189 -8.13 -9.84 -3.51
N HIS A 190 -7.40 -9.91 -2.40
CA HIS A 190 -7.30 -11.20 -1.72
C HIS A 190 -8.58 -11.63 -0.97
N GLY A 191 -9.42 -10.65 -0.63
CA GLY A 191 -10.73 -10.88 -0.07
C GLY A 191 -10.85 -10.77 1.45
N ILE A 192 -9.72 -10.67 2.14
CA ILE A 192 -9.74 -10.54 3.59
C ILE A 192 -9.78 -9.02 3.85
N VAL A 193 -10.97 -8.45 3.72
CA VAL A 193 -11.10 -6.99 3.77
C VAL A 193 -11.27 -6.44 5.19
N GLY A 194 -11.40 -7.35 6.17
CA GLY A 194 -11.37 -6.95 7.58
C GLY A 194 -11.12 -8.15 8.47
N ASN A 195 -10.85 -7.92 9.76
CA ASN A 195 -10.84 -9.01 10.74
C ASN A 195 -12.24 -9.62 10.88
N SER A 196 -13.25 -8.81 10.61
CA SER A 196 -14.62 -9.31 10.55
C SER A 196 -15.22 -8.88 9.23
N MET A 197 -16.00 -9.75 8.60
CA MET A 197 -16.69 -9.33 7.38
C MET A 197 -17.95 -10.12 7.09
N TYR A 198 -18.83 -9.53 6.30
CA TYR A 198 -20.04 -10.23 5.87
C TYR A 198 -20.00 -10.40 4.37
N ASP A 199 -20.16 -11.62 3.89
CA ASP A 199 -20.24 -11.83 2.45
C ASP A 199 -21.70 -12.06 2.07
N PRO A 200 -22.27 -11.18 1.26
CA PRO A 200 -23.70 -11.21 0.94
C PRO A 200 -24.09 -12.40 0.05
N VAL A 201 -23.16 -12.89 -0.76
CA VAL A 201 -23.38 -14.10 -1.57
C VAL A 201 -23.32 -15.39 -0.73
N PHE A 202 -22.35 -15.49 0.17
CA PHE A 202 -22.30 -16.60 1.14
C PHE A 202 -23.44 -16.47 2.16
N ASP A 203 -23.88 -15.24 2.41
CA ASP A 203 -24.70 -14.91 3.58
C ASP A 203 -24.05 -15.56 4.79
N ALA A 204 -22.79 -15.19 5.01
CA ALA A 204 -22.05 -15.77 6.09
C ALA A 204 -21.11 -14.70 6.60
N THR A 205 -20.74 -14.84 7.86
CA THR A 205 -19.91 -13.86 8.53
C THR A 205 -18.60 -14.47 9.01
N PHE A 206 -17.52 -13.77 8.67
CA PHE A 206 -16.15 -14.14 9.02
C PHE A 206 -15.80 -13.36 10.28
N HIS A 207 -15.25 -14.04 11.28
CA HIS A 207 -14.82 -13.39 12.52
C HIS A 207 -13.41 -13.84 12.92
N LEU A 208 -12.68 -12.94 13.60
CA LEU A 208 -11.41 -13.27 14.23
C LEU A 208 -11.48 -14.60 14.95
N ARG A 209 -12.48 -14.71 15.83
CA ARG A 209 -12.71 -15.94 16.60
C ARG A 209 -13.84 -16.73 15.97
N GLY A 210 -13.74 -18.06 16.02
CA GLY A 210 -14.76 -18.90 15.42
C GLY A 210 -14.23 -19.78 14.31
N ARG A 211 -15.11 -20.55 13.70
CA ARG A 211 -14.70 -21.58 12.77
C ARG A 211 -14.81 -21.17 11.31
N GLU A 212 -15.69 -20.21 11.03
CA GLU A 212 -15.98 -19.81 9.66
C GLU A 212 -14.72 -19.42 8.86
N LYS A 213 -13.80 -18.73 9.54
CA LYS A 213 -12.55 -18.27 8.91
C LYS A 213 -11.68 -19.42 8.40
N PHE A 214 -11.90 -20.62 8.91
CA PHE A 214 -11.15 -21.79 8.46
C PHE A 214 -11.62 -22.30 7.10
N ASN A 215 -12.79 -21.84 6.65
CA ASN A 215 -13.28 -22.22 5.33
C ASN A 215 -12.47 -21.53 4.22
N HIS A 216 -11.99 -22.31 3.25
CA HIS A 216 -11.08 -21.77 2.25
C HIS A 216 -11.76 -20.79 1.29
N ARG A 217 -13.08 -20.78 1.27
CA ARG A 217 -13.82 -19.93 0.35
C ARG A 217 -13.55 -18.43 0.55
N TRP A 218 -13.04 -18.06 1.72
CA TRP A 218 -12.78 -16.64 1.99
C TRP A 218 -11.47 -16.15 1.38
N TRP A 219 -10.55 -17.07 1.18
CA TRP A 219 -9.14 -16.71 0.95
C TRP A 219 -8.73 -16.82 -0.52
N GLY A 220 -8.52 -15.67 -1.16
CA GLY A 220 -8.16 -15.63 -2.56
C GLY A 220 -6.68 -15.38 -2.79
N GLY A 221 -6.32 -15.17 -4.05
CA GLY A 221 -4.94 -14.98 -4.44
C GLY A 221 -4.12 -16.23 -4.17
N GLN A 222 -2.81 -16.07 -4.11
CA GLN A 222 -1.94 -17.23 -3.90
C GLN A 222 -0.83 -16.89 -2.89
N PRO A 223 -0.97 -17.37 -1.65
CA PRO A 223 -0.01 -17.00 -0.61
C PRO A 223 1.34 -17.67 -0.81
N LEU A 224 2.36 -17.15 -0.13
CA LEU A 224 3.73 -17.56 -0.35
C LEU A 224 3.93 -19.06 -0.23
N TRP A 225 3.31 -19.68 0.76
CA TRP A 225 3.54 -21.11 1.02
C TRP A 225 3.01 -21.96 -0.12
N ILE A 226 1.93 -21.51 -0.75
CA ILE A 226 1.39 -22.19 -1.90
C ILE A 226 2.25 -21.98 -3.13
N THR A 227 2.68 -20.73 -3.34
CA THR A 227 3.58 -20.43 -4.45
C THR A 227 4.87 -21.26 -4.34
N ALA A 228 5.40 -21.36 -3.14
CA ALA A 228 6.58 -22.17 -2.90
C ALA A 228 6.29 -23.63 -3.24
N THR A 229 5.23 -24.17 -2.66
CA THR A 229 4.95 -25.58 -2.85
C THR A 229 4.72 -25.90 -4.32
N LYS A 230 3.96 -25.05 -5.02
CA LYS A 230 3.65 -25.32 -6.42
C LYS A 230 4.89 -25.32 -7.28
N GLN A 231 5.92 -24.63 -6.82
CA GLN A 231 7.17 -24.55 -7.56
C GLN A 231 8.28 -25.43 -6.96
N GLY A 232 7.89 -26.37 -6.11
CA GLY A 232 8.81 -27.37 -5.59
C GLY A 232 9.74 -26.90 -4.48
N VAL A 233 9.32 -25.85 -3.77
CA VAL A 233 10.09 -25.41 -2.60
C VAL A 233 9.29 -25.71 -1.34
N ARG A 234 9.92 -26.40 -0.40
CA ARG A 234 9.21 -26.84 0.79
C ARG A 234 9.04 -25.70 1.81
N ALA A 235 7.80 -25.48 2.24
CA ALA A 235 7.55 -24.49 3.29
C ALA A 235 7.31 -25.16 4.64
N GLY A 236 7.84 -24.59 5.72
CA GLY A 236 7.43 -24.94 7.06
C GLY A 236 6.00 -24.46 7.23
N THR A 237 5.29 -25.00 8.22
CA THR A 237 3.92 -24.55 8.43
C THR A 237 4.00 -23.17 9.06
N PHE A 238 3.38 -22.19 8.40
CA PHE A 238 3.46 -20.79 8.78
C PHE A 238 2.70 -20.51 10.06
N PHE A 239 1.53 -21.13 10.21
CA PHE A 239 0.62 -20.82 11.31
C PHE A 239 0.93 -21.61 12.55
N TRP A 240 0.65 -21.02 13.70
CA TRP A 240 0.83 -21.75 14.95
C TRP A 240 -0.40 -21.62 15.82
N SER A 241 -0.88 -22.74 16.36
CA SER A 241 -2.00 -22.69 17.31
C SER A 241 -1.58 -21.82 18.47
N VAL A 242 -2.50 -20.98 18.95
CA VAL A 242 -2.16 -19.94 19.90
C VAL A 242 -1.58 -20.49 21.20
N SER A 243 -1.93 -21.74 21.50
CA SER A 243 -1.51 -22.37 22.75
C SER A 243 -0.03 -22.77 22.74
N ILE A 244 0.56 -22.91 21.56
CA ILE A 244 1.97 -23.29 21.48
C ILE A 244 2.83 -22.09 21.90
N PRO A 245 3.62 -22.24 22.98
CA PRO A 245 4.40 -21.09 23.42
C PRO A 245 5.50 -20.71 22.42
N HIS A 246 5.92 -19.45 22.43
CA HIS A 246 6.90 -18.96 21.46
C HIS A 246 8.20 -19.76 21.49
N GLU A 247 8.59 -20.18 22.68
CA GLU A 247 9.83 -20.95 22.83
C GLU A 247 9.76 -22.26 22.05
N ARG A 248 8.59 -22.90 22.10
CA ARG A 248 8.34 -24.12 21.33
C ARG A 248 8.29 -23.85 19.81
N ARG A 249 7.76 -22.69 19.39
CA ARG A 249 7.76 -22.37 17.97
C ARG A 249 9.20 -22.24 17.47
N ILE A 250 10.01 -21.53 18.24
CA ILE A 250 11.41 -21.39 17.91
C ILE A 250 12.12 -22.74 17.87
N LEU A 251 11.93 -23.55 18.91
CA LEU A 251 12.58 -24.87 18.95
C LEU A 251 12.17 -25.74 17.76
N THR A 252 10.91 -25.64 17.36
CA THR A 252 10.39 -26.37 16.22
C THR A 252 11.04 -25.92 14.90
N ILE A 253 11.16 -24.61 14.70
CA ILE A 253 11.84 -24.10 13.50
C ILE A 253 13.26 -24.64 13.46
N LEU A 254 13.94 -24.60 14.59
CA LEU A 254 15.32 -25.08 14.65
C LEU A 254 15.44 -26.56 14.37
N GLN A 255 14.50 -27.34 14.90
CA GLN A 255 14.44 -28.78 14.62
C GLN A 255 14.23 -29.04 13.13
N TRP A 256 13.28 -28.32 12.54
CA TRP A 256 13.03 -28.45 11.09
C TRP A 256 14.27 -28.16 10.28
N LEU A 257 15.05 -27.16 10.70
CA LEU A 257 16.30 -26.82 10.01
C LEU A 257 17.39 -27.89 10.16
N SER A 258 17.24 -28.76 11.15
CA SER A 258 18.19 -29.86 11.38
C SER A 258 17.77 -31.13 10.65
N LEU A 259 16.64 -31.08 9.96
CA LEU A 259 16.10 -32.25 9.26
C LEU A 259 17.05 -32.72 8.16
N PRO A 260 16.88 -33.97 7.70
CA PRO A 260 17.65 -34.47 6.57
C PRO A 260 17.48 -33.59 5.34
N ASP A 261 18.51 -33.49 4.51
CA ASP A 261 18.46 -32.67 3.30
C ASP A 261 17.16 -32.87 2.49
N ASN A 262 16.60 -34.08 2.47
CA ASN A 262 15.42 -34.35 1.65
C ASN A 262 14.08 -34.06 2.34
N GLU A 263 14.14 -33.53 3.56
CA GLU A 263 12.91 -33.12 4.25
C GLU A 263 12.92 -31.63 4.64
N ARG A 264 14.11 -31.05 4.75
CA ARG A 264 14.24 -29.71 5.35
C ARG A 264 13.53 -28.62 4.53
N PRO A 265 12.69 -27.80 5.18
CA PRO A 265 12.07 -26.72 4.41
C PRO A 265 13.03 -25.57 4.08
N SER A 266 12.63 -24.77 3.09
CA SER A 266 13.42 -23.61 2.71
C SER A 266 12.87 -22.30 3.27
N VAL A 267 11.59 -22.30 3.65
CA VAL A 267 10.96 -21.08 4.18
C VAL A 267 10.17 -21.37 5.43
N TYR A 268 10.25 -20.45 6.38
CA TYR A 268 9.74 -20.66 7.73
C TYR A 268 9.10 -19.36 8.17
N ALA A 269 8.08 -19.47 9.02
CA ALA A 269 7.43 -18.31 9.57
C ALA A 269 7.27 -18.47 11.06
N PHE A 270 7.63 -17.42 11.78
CA PHE A 270 7.29 -17.32 13.18
C PHE A 270 6.32 -16.15 13.32
N TYR A 271 5.39 -16.27 14.25
CA TYR A 271 4.46 -15.19 14.53
C TYR A 271 4.34 -14.94 16.02
N SER A 272 4.30 -13.67 16.40
CA SER A 272 4.06 -13.31 17.80
C SER A 272 2.87 -12.37 17.88
N GLU A 273 1.96 -12.63 18.81
CA GLU A 273 0.78 -11.78 19.04
C GLU A 273 1.13 -10.49 19.78
N GLN A 274 2.35 -10.42 20.30
CA GLN A 274 2.87 -9.21 20.91
C GLN A 274 3.73 -8.43 19.91
N PRO A 275 3.85 -7.12 20.08
CA PRO A 275 3.38 -6.32 21.21
C PRO A 275 1.96 -5.76 21.06
N ASP A 276 1.18 -6.34 20.14
CA ASP A 276 -0.20 -5.90 19.91
C ASP A 276 -1.06 -5.96 21.16
N PHE A 277 -1.08 -7.11 21.83
CA PHE A 277 -1.92 -7.25 23.01
C PHE A 277 -1.63 -6.20 24.08
N SER A 278 -0.35 -6.06 24.43
CA SER A 278 0.03 -5.02 25.38
C SER A 278 -0.23 -3.59 24.88
N GLY A 279 -0.08 -3.35 23.58
CA GLY A 279 -0.45 -2.05 23.04
C GLY A 279 -1.92 -1.71 23.25
N HIS A 280 -2.83 -2.66 23.04
CA HIS A 280 -4.25 -2.43 23.28
C HIS A 280 -4.51 -2.12 24.75
N LYS A 281 -3.88 -2.88 25.64
CA LYS A 281 -4.08 -2.71 27.07
C LYS A 281 -3.55 -1.38 27.60
N TYR A 282 -2.33 -1.03 27.19
CA TYR A 282 -1.58 0.05 27.83
C TYR A 282 -1.30 1.25 26.93
N GLY A 283 -1.62 1.13 25.65
CA GLY A 283 -1.31 2.19 24.70
C GLY A 283 0.14 2.15 24.29
N PRO A 284 0.47 2.80 23.16
CA PRO A 284 1.80 2.63 22.59
C PRO A 284 2.92 3.28 23.40
N PHE A 285 2.60 4.31 24.16
CA PHE A 285 3.66 5.03 24.88
C PHE A 285 3.62 4.72 26.38
N GLY A 286 2.93 3.65 26.73
CA GLY A 286 2.84 3.20 28.10
C GLY A 286 4.13 2.56 28.56
N PRO A 287 4.49 2.77 29.84
CA PRO A 287 5.73 2.17 30.36
C PRO A 287 5.63 0.66 30.40
N GLU A 288 4.40 0.15 30.39
CA GLU A 288 4.20 -1.29 30.41
C GLU A 288 4.64 -1.94 29.10
N MET A 289 4.90 -1.12 28.08
CA MET A 289 5.28 -1.63 26.75
C MET A 289 6.70 -2.18 26.72
N THR A 290 7.52 -1.76 27.68
CA THR A 290 8.91 -2.23 27.71
C THR A 290 8.98 -3.74 27.89
N ASN A 291 8.16 -4.29 28.80
CA ASN A 291 8.20 -5.70 29.10
C ASN A 291 7.92 -6.59 27.87
N PRO A 292 6.81 -6.35 27.13
CA PRO A 292 6.65 -7.20 25.94
C PRO A 292 7.70 -7.00 24.87
N LEU A 293 8.22 -5.80 24.72
CA LEU A 293 9.30 -5.58 23.76
C LEU A 293 10.55 -6.37 24.19
N ARG A 294 10.84 -6.42 25.49
CA ARG A 294 11.96 -7.23 25.97
C ARG A 294 11.74 -8.70 25.68
N GLU A 295 10.52 -9.17 25.87
CA GLU A 295 10.23 -10.59 25.66
C GLU A 295 10.40 -11.00 24.19
N ILE A 296 9.97 -10.13 23.28
CA ILE A 296 10.13 -10.41 21.85
C ILE A 296 11.60 -10.49 21.48
N ASP A 297 12.34 -9.53 22.01
CA ASP A 297 13.77 -9.51 21.76
C ASP A 297 14.43 -10.79 22.24
N LYS A 298 13.99 -11.27 23.40
CA LYS A 298 14.50 -12.53 23.96
C LYS A 298 14.23 -13.72 23.02
N THR A 299 13.05 -13.74 22.42
CA THR A 299 12.71 -14.73 21.40
C THR A 299 13.61 -14.63 20.17
N VAL A 300 13.82 -13.42 19.67
CA VAL A 300 14.73 -13.21 18.55
C VAL A 300 16.12 -13.75 18.90
N GLY A 301 16.54 -13.51 20.13
CA GLY A 301 17.84 -13.97 20.61
C GLY A 301 17.91 -15.47 20.68
N GLN A 302 16.82 -16.10 21.08
CA GLN A 302 16.78 -17.57 21.10
C GLN A 302 16.94 -18.11 19.69
N LEU A 303 16.29 -17.44 18.74
CA LEU A 303 16.40 -17.85 17.35
C LEU A 303 17.82 -17.67 16.84
N MET A 304 18.43 -16.51 17.12
CA MET A 304 19.78 -16.27 16.62
C MET A 304 20.81 -17.16 17.31
N ASP A 305 20.68 -17.33 18.62
CA ASP A 305 21.55 -18.26 19.35
C ASP A 305 21.42 -19.67 18.79
N GLY A 306 20.18 -20.12 18.62
CA GLY A 306 19.92 -21.41 18.00
C GLY A 306 20.52 -21.56 16.61
N LEU A 307 20.38 -20.53 15.77
CA LEU A 307 20.95 -20.60 14.43
C LEU A 307 22.48 -20.69 14.48
N LYS A 308 23.06 -19.99 15.44
CA LYS A 308 24.51 -19.98 15.62
C LYS A 308 24.96 -21.40 15.99
N GLN A 309 24.19 -22.06 16.85
CA GLN A 309 24.48 -23.44 17.28
C GLN A 309 24.42 -24.42 16.12
N LEU A 310 23.62 -24.09 15.11
CA LEU A 310 23.46 -24.93 13.94
C LEU A 310 24.40 -24.50 12.82
N LYS A 311 25.24 -23.51 13.11
CA LYS A 311 26.14 -22.92 12.11
C LYS A 311 25.38 -22.29 10.93
N LEU A 312 24.24 -21.68 11.24
CA LEU A 312 23.33 -21.15 10.22
C LEU A 312 23.19 -19.63 10.28
N HIS A 313 23.86 -19.01 11.25
CA HIS A 313 23.66 -17.57 11.48
C HIS A 313 24.22 -16.67 10.38
N ARG A 314 24.95 -17.26 9.43
CA ARG A 314 25.51 -16.50 8.31
C ARG A 314 25.07 -17.16 7.01
N CYS A 315 24.00 -17.94 7.15
CA CYS A 315 23.41 -18.71 6.07
C CYS A 315 21.97 -18.27 5.78
N VAL A 316 21.16 -18.12 6.83
CA VAL A 316 19.73 -17.81 6.70
C VAL A 316 19.47 -16.32 6.42
N ASN A 317 18.47 -16.02 5.60
CA ASN A 317 17.95 -14.67 5.54
C ASN A 317 16.78 -14.54 6.52
N VAL A 318 16.85 -13.52 7.38
CA VAL A 318 15.78 -13.24 8.34
C VAL A 318 15.04 -11.95 7.96
N ILE A 319 13.71 -12.02 7.92
CA ILE A 319 12.90 -10.82 7.75
C ILE A 319 12.14 -10.59 9.05
N PHE A 320 12.34 -9.41 9.64
CA PHE A 320 11.65 -9.04 10.86
C PHE A 320 10.63 -7.99 10.47
N VAL A 321 9.35 -8.34 10.59
CA VAL A 321 8.34 -7.52 9.96
C VAL A 321 7.07 -7.44 10.80
N GLY A 322 6.42 -6.28 10.80
CA GLY A 322 5.17 -6.14 11.53
C GLY A 322 3.97 -6.07 10.60
N ASP A 323 2.78 -6.14 11.17
CA ASP A 323 1.58 -6.05 10.33
C ASP A 323 0.90 -4.67 10.36
N HIS A 324 1.12 -3.90 11.44
CA HIS A 324 0.58 -2.56 11.59
C HIS A 324 1.08 -1.98 12.90
N GLY A 325 0.82 -0.72 13.12
CA GLY A 325 1.20 -0.09 14.37
C GLY A 325 0.11 -0.02 15.42
N MET A 326 0.15 1.05 16.21
CA MET A 326 -0.71 1.19 17.38
C MET A 326 -0.81 2.68 17.74
N GLU A 327 -2.03 3.12 18.02
CA GLU A 327 -2.31 4.52 18.33
C GLU A 327 -2.91 4.59 19.73
N ASP A 328 -2.78 5.75 20.38
CA ASP A 328 -3.52 6.04 21.61
C ASP A 328 -5.01 6.18 21.32
N VAL A 329 -5.81 5.28 21.86
CA VAL A 329 -7.26 5.31 21.67
C VAL A 329 -7.89 4.88 22.99
N THR A 330 -8.81 5.67 23.53
CA THR A 330 -9.49 5.33 24.78
C THR A 330 -10.99 5.52 24.65
N CYS A 331 -11.71 4.99 25.65
CA CYS A 331 -13.17 5.05 25.72
C CYS A 331 -13.70 6.47 25.58
N ASP A 332 -12.99 7.42 26.19
CA ASP A 332 -13.39 8.83 26.22
C ASP A 332 -13.46 9.45 24.83
N ARG A 333 -12.84 8.80 23.84
CA ARG A 333 -12.84 9.33 22.49
C ARG A 333 -13.62 8.45 21.54
N THR A 334 -14.90 8.32 21.82
CA THR A 334 -15.79 7.54 20.99
C THR A 334 -16.92 8.40 20.44
N GLU A 335 -17.05 8.44 19.11
CA GLU A 335 -18.23 9.03 18.46
C GLU A 335 -19.35 8.01 18.43
N PHE A 336 -20.60 8.46 18.65
CA PHE A 336 -21.74 7.54 18.63
C PHE A 336 -22.69 7.90 17.48
N LEU A 337 -23.02 6.95 16.62
CA LEU A 337 -23.91 7.21 15.50
C LEU A 337 -25.30 7.63 15.98
N SER A 338 -25.66 7.17 17.18
CA SER A 338 -26.95 7.52 17.77
C SER A 338 -27.08 9.02 18.03
N ASN A 339 -25.95 9.73 18.03
CA ASN A 339 -26.00 11.19 18.06
C ASN A 339 -26.39 11.81 16.74
N TYR A 340 -26.37 11.02 15.67
CA TYR A 340 -26.57 11.55 14.31
C TYR A 340 -27.79 10.92 13.65
N LEU A 341 -28.07 9.67 14.03
CA LEU A 341 -29.10 8.90 13.34
C LEU A 341 -30.17 8.53 14.33
N THR A 342 -31.40 8.43 13.85
CA THR A 342 -32.54 8.24 14.73
C THR A 342 -32.68 6.80 15.21
N ASN A 343 -32.46 5.85 14.31
CA ASN A 343 -32.73 4.45 14.60
C ASN A 343 -31.53 3.52 14.36
N VAL A 344 -30.52 3.62 15.19
CA VAL A 344 -29.30 2.85 14.97
C VAL A 344 -29.47 1.35 15.21
N ASP A 345 -30.55 0.96 15.90
CA ASP A 345 -30.83 -0.45 16.09
C ASP A 345 -31.15 -1.18 14.78
N ASP A 346 -31.43 -0.42 13.73
CA ASP A 346 -31.71 -1.00 12.41
C ASP A 346 -30.47 -1.15 11.49
N ILE A 347 -29.31 -0.71 11.94
CA ILE A 347 -28.09 -0.93 11.16
C ILE A 347 -27.10 -1.78 11.94
N THR A 348 -26.27 -2.48 11.18
CA THR A 348 -25.12 -3.18 11.72
C THR A 348 -23.90 -2.35 11.40
N LEU A 349 -23.06 -2.10 12.40
CA LEU A 349 -21.87 -1.29 12.19
C LEU A 349 -20.65 -2.11 12.52
N VAL A 350 -19.75 -2.24 11.55
CA VAL A 350 -18.42 -2.74 11.84
C VAL A 350 -17.71 -1.54 12.48
N PRO A 351 -17.39 -1.60 13.77
CA PRO A 351 -17.04 -0.38 14.50
C PRO A 351 -15.56 -0.19 14.82
N GLY A 352 -15.27 0.90 15.51
CA GLY A 352 -13.97 1.13 16.11
C GLY A 352 -13.15 2.17 15.37
N THR A 353 -12.00 1.76 14.85
CA THR A 353 -11.09 2.67 14.17
C THR A 353 -11.42 2.83 12.69
N LEU A 354 -12.49 2.16 12.24
CA LEU A 354 -13.08 2.34 10.93
C LEU A 354 -14.58 2.06 11.10
N GLY A 355 -15.37 2.45 10.10
CA GLY A 355 -16.79 2.12 10.15
C GLY A 355 -17.24 1.52 8.84
N ARG A 356 -17.99 0.41 8.91
CA ARG A 356 -18.64 -0.13 7.72
C ARG A 356 -20.09 -0.35 8.14
N ILE A 357 -21.03 0.15 7.36
CA ILE A 357 -22.43 0.12 7.75
C ILE A 357 -23.25 -0.64 6.71
N ARG A 358 -24.16 -1.49 7.19
CA ARG A 358 -25.13 -2.14 6.32
C ARG A 358 -26.40 -2.27 7.16
N PRO A 359 -27.54 -2.58 6.52
CA PRO A 359 -28.73 -2.83 7.35
C PRO A 359 -28.61 -4.09 8.17
N LYS A 360 -29.16 -4.07 9.38
CA LYS A 360 -29.12 -5.21 10.27
C LYS A 360 -29.74 -6.44 9.63
N ILE A 361 -30.85 -6.24 8.93
CA ILE A 361 -31.45 -7.31 8.17
C ILE A 361 -30.92 -7.19 6.76
N PRO A 362 -30.23 -8.22 6.27
CA PRO A 362 -29.59 -8.06 4.96
C PRO A 362 -30.62 -7.71 3.91
N ASN A 363 -30.26 -6.79 3.01
CA ASN A 363 -31.15 -6.35 1.95
C ASN A 363 -32.46 -5.72 2.41
N ASN A 364 -32.49 -5.22 3.65
CA ASN A 364 -33.66 -4.54 4.19
C ASN A 364 -34.05 -3.41 3.25
N LEU A 365 -35.28 -3.47 2.74
CA LEU A 365 -35.72 -2.54 1.71
C LEU A 365 -35.85 -1.09 2.19
N LYS A 366 -36.05 -0.91 3.50
CA LYS A 366 -36.22 0.42 4.08
C LYS A 366 -34.89 1.14 4.35
N TYR A 367 -33.79 0.42 4.14
CA TYR A 367 -32.45 0.97 4.33
C TYR A 367 -32.27 2.17 3.41
N ASP A 368 -31.94 3.33 3.99
CA ASP A 368 -31.87 4.59 3.27
C ASP A 368 -30.47 5.23 3.34
N PRO A 369 -29.51 4.70 2.56
CA PRO A 369 -28.11 5.14 2.61
C PRO A 369 -27.89 6.64 2.35
N LYS A 370 -28.60 7.23 1.39
CA LYS A 370 -28.41 8.67 1.15
C LYS A 370 -28.82 9.50 2.37
N ALA A 371 -29.89 9.11 3.05
CA ALA A 371 -30.34 9.88 4.20
C ALA A 371 -29.38 9.67 5.36
N ILE A 372 -28.91 8.45 5.53
CA ILE A 372 -27.88 8.17 6.52
C ILE A 372 -26.65 9.02 6.26
N ILE A 373 -26.11 8.99 5.04
CA ILE A 373 -24.91 9.75 4.75
C ILE A 373 -25.17 11.23 4.99
N ALA A 374 -26.35 11.69 4.60
CA ALA A 374 -26.69 13.10 4.81
C ALA A 374 -26.59 13.46 6.30
N ASN A 375 -27.16 12.63 7.17
CA ASN A 375 -27.07 12.89 8.60
C ASN A 375 -25.67 12.76 9.21
N LEU A 376 -24.73 12.19 8.45
CA LEU A 376 -23.36 11.94 8.93
C LEU A 376 -22.35 12.92 8.36
N THR A 377 -22.83 13.85 7.54
CA THR A 377 -21.95 14.73 6.77
C THR A 377 -21.83 16.10 7.41
N CYS A 378 -20.65 16.40 7.93
CA CYS A 378 -20.33 17.71 8.53
C CYS A 378 -21.38 18.24 9.49
N LYS A 379 -21.78 17.39 10.45
CA LYS A 379 -22.86 17.76 11.36
C LYS A 379 -22.36 18.27 12.71
N LYS A 380 -21.09 18.02 13.01
CA LYS A 380 -20.44 18.63 14.17
C LYS A 380 -19.15 19.28 13.70
N PRO A 381 -18.81 20.45 14.25
CA PRO A 381 -17.58 21.12 13.83
C PRO A 381 -16.32 20.33 14.16
N ASP A 382 -16.36 19.51 15.20
CA ASP A 382 -15.18 18.75 15.56
C ASP A 382 -15.39 17.27 15.25
N GLN A 383 -16.20 16.98 14.24
CA GLN A 383 -16.57 15.60 13.94
C GLN A 383 -15.36 14.70 13.68
N HIS A 384 -15.31 13.56 14.37
CA HIS A 384 -14.09 12.73 14.37
C HIS A 384 -14.17 11.51 13.46
N PHE A 385 -15.00 11.60 12.43
CA PHE A 385 -15.02 10.63 11.34
C PHE A 385 -15.63 11.32 10.13
N LYS A 386 -15.47 10.71 8.96
CA LYS A 386 -16.12 11.26 7.76
C LYS A 386 -16.73 10.14 6.94
N PRO A 387 -18.01 10.29 6.56
CA PRO A 387 -18.63 9.20 5.79
C PRO A 387 -18.20 9.26 4.32
N TYR A 388 -18.11 8.09 3.70
CA TYR A 388 -17.77 7.99 2.29
C TYR A 388 -18.56 6.85 1.66
N MET A 389 -19.17 7.08 0.50
CA MET A 389 -19.47 5.94 -0.35
C MET A 389 -18.10 5.36 -0.76
N LYS A 390 -17.98 4.04 -0.86
CA LYS A 390 -16.65 3.45 -1.02
C LYS A 390 -15.93 3.92 -2.29
N GLN A 391 -16.68 4.26 -3.33
CA GLN A 391 -16.01 4.70 -4.56
C GLN A 391 -15.41 6.09 -4.39
N HIS A 392 -15.79 6.79 -3.32
CA HIS A 392 -15.26 8.13 -3.07
C HIS A 392 -14.05 8.11 -2.15
N LEU A 393 -13.74 6.95 -1.57
CA LEU A 393 -12.53 6.84 -0.72
C LEU A 393 -11.32 7.17 -1.58
N PRO A 394 -10.30 7.79 -0.98
CA PRO A 394 -9.02 8.04 -1.67
C PRO A 394 -8.56 6.79 -2.39
N LYS A 395 -8.14 6.95 -3.65
CA LYS A 395 -7.80 5.82 -4.48
C LYS A 395 -6.59 5.05 -3.95
N ARG A 396 -5.71 5.75 -3.22
CA ARG A 396 -4.50 5.13 -2.70
C ARG A 396 -4.84 3.99 -1.71
N LEU A 397 -6.06 4.02 -1.17
CA LEU A 397 -6.48 3.01 -0.19
C LEU A 397 -6.85 1.71 -0.90
N HIS A 398 -7.22 1.82 -2.18
CA HIS A 398 -7.57 0.64 -2.98
C HIS A 398 -8.59 -0.24 -2.28
N TYR A 399 -9.64 0.38 -1.75
CA TYR A 399 -10.56 -0.34 -0.87
C TYR A 399 -12.00 -0.20 -1.33
N ALA A 400 -12.34 -0.82 -2.45
CA ALA A 400 -13.72 -0.66 -2.92
C ALA A 400 -14.19 -1.86 -3.73
N ASN A 401 -13.27 -2.49 -4.44
CA ASN A 401 -13.67 -3.49 -5.43
C ASN A 401 -13.83 -4.90 -4.86
N ASN A 402 -14.79 -5.03 -3.94
CA ASN A 402 -15.07 -6.33 -3.35
C ASN A 402 -16.47 -6.29 -2.74
N ARG A 403 -17.26 -7.35 -2.94
CA ARG A 403 -18.63 -7.42 -2.41
C ARG A 403 -18.70 -7.42 -0.89
N ARG A 404 -17.58 -7.71 -0.24
CA ARG A 404 -17.53 -7.74 1.22
C ARG A 404 -17.29 -6.36 1.83
N ILE A 405 -17.00 -5.37 1.00
CA ILE A 405 -16.85 -4.01 1.49
C ILE A 405 -18.16 -3.27 1.32
N GLU A 406 -18.78 -2.95 2.45
CA GLU A 406 -20.03 -2.22 2.44
C GLU A 406 -19.91 -0.92 1.63
N ASP A 407 -20.99 -0.52 0.94
CA ASP A 407 -21.02 0.73 0.21
C ASP A 407 -20.70 1.93 1.11
N LEU A 408 -21.21 1.90 2.34
CA LEU A 408 -21.05 3.04 3.24
C LEU A 408 -19.89 2.79 4.19
N HIS A 409 -18.93 3.70 4.19
CA HIS A 409 -17.73 3.58 5.00
C HIS A 409 -17.58 4.84 5.83
N LEU A 410 -16.95 4.69 7.00
CA LEU A 410 -16.57 5.82 7.80
C LEU A 410 -15.07 5.78 7.96
N LEU A 411 -14.38 6.82 7.49
CA LEU A 411 -12.97 6.97 7.78
C LEU A 411 -12.89 7.71 9.10
N VAL A 412 -12.25 7.08 10.09
CA VAL A 412 -12.23 7.60 11.45
C VAL A 412 -10.93 8.36 11.74
N GLU A 413 -11.02 9.48 12.46
CA GLU A 413 -9.83 10.29 12.78
C GLU A 413 -8.92 9.53 13.74
N ARG A 414 -7.61 9.63 13.53
CA ARG A 414 -6.67 8.97 14.45
C ARG A 414 -6.99 9.34 15.92
N ARG A 415 -6.80 8.36 16.82
CA ARG A 415 -7.06 8.49 18.27
C ARG A 415 -8.54 8.35 18.67
N TRP A 416 -9.41 8.20 17.68
CA TRP A 416 -10.84 8.04 17.94
C TRP A 416 -11.46 6.71 17.56
N HIS A 417 -12.61 6.43 18.16
CA HIS A 417 -13.45 5.29 17.80
C HIS A 417 -14.82 5.81 17.33
N VAL A 418 -15.48 5.00 16.50
CA VAL A 418 -16.89 5.21 16.20
C VAL A 418 -17.66 3.97 16.68
N ALA A 419 -18.79 4.20 17.34
CA ALA A 419 -19.60 3.10 17.83
C ALA A 419 -21.04 3.42 17.49
N ARG A 420 -21.91 2.43 17.56
CA ARG A 420 -23.30 2.61 17.15
C ARG A 420 -24.08 3.45 18.19
N LYS A 421 -23.90 3.14 19.47
CA LYS A 421 -24.60 3.84 20.54
C LYS A 421 -23.91 3.60 21.88
N PRO A 422 -24.16 4.46 22.87
CA PRO A 422 -23.42 4.40 24.14
C PRO A 422 -23.45 3.05 24.85
N LEU A 423 -24.48 2.25 24.62
CA LEU A 423 -24.54 0.90 25.20
C LEU A 423 -23.35 0.05 24.77
N ASP A 424 -22.74 0.40 23.65
CA ASP A 424 -21.63 -0.39 23.10
C ASP A 424 -20.27 -0.04 23.71
N VAL A 425 -20.26 0.93 24.62
CA VAL A 425 -19.03 1.28 25.36
C VAL A 425 -19.20 1.03 26.86
N TYR A 426 -18.20 0.35 27.46
CA TYR A 426 -18.26 -0.05 28.86
C TYR A 426 -17.14 0.58 29.71
N LYS A 427 -17.37 1.79 30.19
CA LYS A 427 -16.42 2.45 31.09
C LYS A 427 -16.54 1.86 32.49
N LYS A 428 -15.48 2.00 33.28
CA LYS A 428 -15.48 1.42 34.62
C LYS A 428 -15.62 2.50 35.71
N CYS A 433 -11.93 2.75 30.95
CA CYS A 433 -12.12 1.52 30.18
C CYS A 433 -10.84 0.69 30.13
N PHE A 434 -10.96 -0.51 29.59
CA PHE A 434 -9.89 -1.49 29.67
C PHE A 434 -8.82 -1.38 28.59
N PHE A 435 -9.01 -0.48 27.64
CA PHE A 435 -8.06 -0.34 26.55
C PHE A 435 -7.55 1.08 26.40
N GLN A 436 -6.29 1.22 25.97
CA GLN A 436 -5.71 2.53 25.73
C GLN A 436 -5.04 2.63 24.37
N GLY A 437 -5.06 1.53 23.61
CA GLY A 437 -4.47 1.53 22.29
C GLY A 437 -5.37 0.84 21.27
N ASP A 438 -5.28 1.23 20.00
CA ASP A 438 -5.97 0.51 18.94
C ASP A 438 -5.37 0.91 17.59
N HIS A 439 -5.81 0.25 16.52
CA HIS A 439 -5.25 0.50 15.20
C HIS A 439 -6.35 0.14 14.23
N GLY A 440 -6.18 0.47 12.94
CA GLY A 440 -7.21 0.22 11.94
C GLY A 440 -7.36 1.40 11.00
N PHE A 441 -6.84 2.54 11.43
CA PHE A 441 -6.98 3.82 10.72
C PHE A 441 -6.30 3.84 9.35
N ASP A 442 -6.65 4.85 8.56
CA ASP A 442 -5.97 5.24 7.31
C ASP A 442 -4.50 4.85 7.35
N ASN A 443 -4.06 4.02 6.40
CA ASN A 443 -2.67 3.54 6.39
C ASN A 443 -1.57 4.57 6.15
N LYS A 444 -1.92 5.85 5.98
CA LYS A 444 -0.83 6.84 5.92
C LYS A 444 -0.57 7.53 7.27
N VAL A 445 -1.43 7.22 8.25
CA VAL A 445 -1.27 7.74 9.61
C VAL A 445 0.03 7.26 10.24
N ASN A 446 0.81 8.16 10.80
CA ASN A 446 2.13 7.77 11.32
C ASN A 446 2.10 6.64 12.33
N SER A 447 1.15 6.70 13.26
CA SER A 447 1.09 5.70 14.30
C SER A 447 0.76 4.30 13.76
N MET A 448 0.26 4.22 12.53
CA MET A 448 -0.04 2.90 11.94
C MET A 448 1.12 2.24 11.24
N GLN A 449 2.19 2.99 11.00
CA GLN A 449 3.36 2.42 10.32
C GLN A 449 4.01 1.33 11.14
N THR A 450 4.61 0.37 10.46
CA THR A 450 5.16 -0.79 11.14
C THR A 450 6.61 -0.99 10.73
N VAL A 451 7.20 -2.13 11.10
CA VAL A 451 8.65 -2.31 11.00
C VAL A 451 9.02 -3.24 9.84
N PHE A 452 10.18 -2.98 9.24
CA PHE A 452 10.86 -3.93 8.35
C PHE A 452 12.38 -3.91 8.55
N VAL A 453 12.93 -5.09 8.79
CA VAL A 453 14.36 -5.34 8.78
C VAL A 453 14.62 -6.62 8.01
N GLY A 454 15.62 -6.58 7.12
CA GLY A 454 16.10 -7.77 6.45
C GLY A 454 17.56 -7.99 6.87
N TYR A 455 17.89 -9.21 7.29
CA TYR A 455 19.25 -9.54 7.68
C TYR A 455 19.69 -10.85 7.07
N GLY A 456 20.86 -10.85 6.46
CA GLY A 456 21.38 -12.09 5.89
C GLY A 456 22.15 -11.87 4.61
N PRO A 457 22.66 -12.97 4.02
CA PRO A 457 23.56 -12.90 2.87
C PRO A 457 22.98 -12.20 1.66
N THR A 458 21.66 -12.28 1.48
CA THR A 458 21.06 -11.71 0.28
C THR A 458 20.68 -10.24 0.50
N PHE A 459 20.56 -9.83 1.76
CA PHE A 459 20.27 -8.42 2.06
C PHE A 459 21.55 -7.60 2.08
N LYS A 460 21.42 -6.29 1.97
CA LYS A 460 22.61 -5.44 2.07
C LYS A 460 23.08 -5.36 3.51
N TYR A 461 24.30 -4.83 3.69
CA TYR A 461 24.91 -4.69 4.99
C TYR A 461 24.86 -3.22 5.42
N ARG A 462 24.42 -2.97 6.65
CA ARG A 462 24.34 -1.63 7.22
C ARG A 462 23.75 -0.60 6.25
N THR A 463 22.55 -0.88 5.77
CA THR A 463 21.94 -0.06 4.74
C THR A 463 20.54 0.38 5.16
N LYS A 464 20.27 1.67 5.04
CA LYS A 464 18.91 2.16 5.24
C LYS A 464 18.23 2.37 3.90
N VAL A 465 16.97 1.95 3.78
CA VAL A 465 16.21 2.12 2.55
C VAL A 465 14.98 2.97 2.83
N PRO A 466 14.42 3.63 1.81
CA PRO A 466 13.26 4.46 2.15
C PRO A 466 12.07 3.58 2.53
N PRO A 467 11.08 4.16 3.21
CA PRO A 467 9.91 3.35 3.57
C PRO A 467 9.23 2.87 2.30
N PHE A 468 8.55 1.74 2.41
CA PHE A 468 7.88 1.13 1.27
C PHE A 468 6.65 0.42 1.81
N GLU A 469 5.81 -0.05 0.88
CA GLU A 469 4.53 -0.68 1.23
C GLU A 469 4.63 -2.19 1.36
N ASN A 470 3.85 -2.75 2.28
CA ASN A 470 3.96 -4.18 2.52
C ASN A 470 3.53 -5.04 1.31
N ILE A 471 2.80 -4.47 0.36
CA ILE A 471 2.37 -5.22 -0.84
C ILE A 471 3.58 -5.60 -1.71
N GLU A 472 4.69 -4.89 -1.50
CA GLU A 472 5.93 -5.14 -2.25
C GLU A 472 6.75 -6.37 -1.76
N LEU A 473 6.49 -6.82 -0.53
CA LEU A 473 7.32 -7.87 0.08
C LEU A 473 7.19 -9.26 -0.56
N TYR A 474 5.98 -9.61 -1.01
CA TYR A 474 5.79 -10.91 -1.63
C TYR A 474 6.75 -11.14 -2.79
N ASN A 475 6.89 -10.17 -3.70
CA ASN A 475 7.86 -10.33 -4.79
C ASN A 475 9.26 -10.60 -4.27
N VAL A 476 9.68 -9.82 -3.27
CA VAL A 476 11.02 -9.95 -2.68
C VAL A 476 11.24 -11.30 -2.00
N MET A 477 10.22 -11.82 -1.33
CA MET A 477 10.36 -13.13 -0.73
C MET A 477 10.45 -14.17 -1.83
N CYS A 478 9.69 -13.99 -2.90
CA CYS A 478 9.83 -14.88 -4.06
C CYS A 478 11.26 -14.84 -4.63
N ASP A 479 11.81 -13.63 -4.85
CA ASP A 479 13.21 -13.47 -5.22
C ASP A 479 14.19 -14.20 -4.27
N LEU A 480 14.02 -14.00 -2.96
CA LEU A 480 14.87 -14.68 -1.96
C LEU A 480 14.80 -16.19 -2.03
N LEU A 481 13.73 -16.73 -2.61
CA LEU A 481 13.52 -18.16 -2.66
C LEU A 481 13.64 -18.75 -4.05
N GLY A 482 13.95 -17.91 -5.03
CA GLY A 482 14.01 -18.33 -6.42
C GLY A 482 12.65 -18.66 -7.02
N LEU A 483 11.61 -17.98 -6.58
CA LEU A 483 10.26 -18.27 -7.03
C LEU A 483 9.74 -17.25 -8.02
N LYS A 484 8.85 -17.69 -8.91
CA LYS A 484 8.15 -16.76 -9.79
C LYS A 484 6.86 -16.37 -9.11
N PRO A 485 6.70 -15.07 -8.81
CA PRO A 485 5.51 -14.62 -8.08
C PRO A 485 4.24 -14.74 -8.91
N ALA A 486 3.14 -15.09 -8.24
CA ALA A 486 1.82 -15.01 -8.85
C ALA A 486 1.47 -13.54 -9.09
N PRO A 487 0.51 -13.27 -9.98
CA PRO A 487 0.17 -11.86 -10.23
C PRO A 487 -0.24 -11.17 -8.94
N ASN A 488 0.34 -10.01 -8.70
CA ASN A 488 0.07 -9.30 -7.47
C ASN A 488 0.25 -7.80 -7.65
N ASN A 489 0.09 -7.04 -6.56
CA ASN A 489 0.05 -5.60 -6.70
C ASN A 489 1.36 -4.88 -6.42
N GLY A 490 2.36 -5.62 -5.95
CA GLY A 490 3.70 -5.07 -5.90
C GLY A 490 4.18 -4.69 -7.29
N THR A 491 5.28 -3.95 -7.36
CA THR A 491 5.86 -3.55 -8.62
C THR A 491 7.25 -4.17 -8.60
N HIS A 492 7.42 -5.26 -9.35
CA HIS A 492 8.59 -6.10 -9.22
C HIS A 492 9.84 -5.37 -9.70
N GLY A 493 10.80 -5.20 -8.80
CA GLY A 493 11.99 -4.43 -9.10
C GLY A 493 12.09 -3.17 -8.26
N SER A 494 10.96 -2.70 -7.74
CA SER A 494 10.93 -1.46 -6.97
C SER A 494 11.69 -1.60 -5.65
N LEU A 495 11.92 -2.83 -5.21
CA LEU A 495 12.73 -3.07 -4.02
C LEU A 495 14.07 -3.75 -4.29
N ASN A 496 14.57 -3.68 -5.51
CA ASN A 496 15.87 -4.28 -5.79
C ASN A 496 16.99 -3.69 -4.94
N HIS A 497 16.79 -2.47 -4.46
CA HIS A 497 17.83 -1.77 -3.71
C HIS A 497 17.98 -2.31 -2.29
N LEU A 498 17.13 -3.26 -1.91
CA LEU A 498 17.26 -3.88 -0.59
C LEU A 498 18.24 -5.03 -0.64
N LEU A 499 18.54 -5.50 -1.85
CA LEU A 499 19.24 -6.77 -2.02
C LEU A 499 20.66 -6.61 -2.55
N ARG A 500 21.54 -7.48 -2.07
CA ARG A 500 22.92 -7.60 -2.54
C ARG A 500 22.95 -8.34 -3.88
N THR A 501 22.21 -9.44 -3.96
CA THR A 501 22.02 -10.20 -5.20
C THR A 501 20.58 -10.71 -5.24
N ASN A 502 20.28 -11.61 -6.18
CA ASN A 502 18.93 -12.13 -6.38
C ASN A 502 17.93 -11.05 -6.79
N THR A 503 18.43 -9.92 -7.29
CA THR A 503 17.57 -8.85 -7.76
C THR A 503 16.77 -9.35 -8.97
N PHE A 504 15.68 -8.66 -9.27
CA PHE A 504 14.87 -9.01 -10.43
C PHE A 504 15.12 -7.97 -11.50
N ARG A 505 15.59 -8.40 -12.67
CA ARG A 505 15.82 -7.44 -13.74
C ARG A 505 14.52 -7.13 -14.45
N PRO A 506 13.99 -5.92 -14.25
CA PRO A 506 12.67 -5.63 -14.81
C PRO A 506 12.81 -5.24 -16.27
N THR A 507 11.73 -5.36 -17.01
CA THR A 507 11.73 -4.99 -18.42
C THR A 507 10.59 -4.03 -18.67
N LEU A 508 10.91 -2.93 -19.35
CA LEU A 508 9.96 -1.89 -19.73
C LEU A 508 8.82 -2.52 -20.54
N PRO A 509 7.56 -2.14 -20.22
CA PRO A 509 6.45 -2.68 -21.00
C PRO A 509 6.47 -2.05 -22.39
N GLU A 510 5.90 -2.74 -23.37
CA GLU A 510 5.97 -2.25 -24.74
C GLU A 510 4.81 -1.33 -25.07
N GLU A 511 5.12 -0.20 -25.71
CA GLU A 511 4.10 0.71 -26.17
C GLU A 511 3.17 -0.01 -27.13
N VAL A 512 1.88 0.19 -26.96
CA VAL A 512 0.90 -0.51 -27.78
C VAL A 512 0.37 0.40 -28.87
N SER A 513 0.15 1.67 -28.53
CA SER A 513 -0.32 2.64 -29.50
C SER A 513 0.74 3.70 -29.74
N ARG A 514 1.14 3.85 -31.00
CA ARG A 514 2.02 4.93 -31.40
C ARG A 514 1.16 6.16 -31.72
N PRO A 515 1.72 7.36 -31.52
CA PRO A 515 0.96 8.59 -31.71
C PRO A 515 1.09 9.16 -33.12
N ASN A 516 0.15 10.04 -33.46
CA ASN A 516 0.20 10.79 -34.69
C ASN A 516 0.68 12.18 -34.37
N TYR A 517 1.22 12.86 -35.36
CA TYR A 517 1.67 14.24 -35.17
C TYR A 517 0.99 15.13 -36.21
N PRO A 518 -0.31 15.41 -36.01
CA PRO A 518 -1.10 16.17 -37.00
C PRO A 518 -0.59 17.59 -37.21
N GLY A 519 -0.53 18.02 -38.47
CA GLY A 519 -0.19 19.39 -38.79
C GLY A 519 -1.47 20.20 -38.94
N ILE A 520 -1.41 21.27 -39.74
CA ILE A 520 -2.61 21.99 -40.09
C ILE A 520 -3.30 21.22 -41.20
N MET A 521 -4.57 20.90 -41.01
CA MET A 521 -5.33 20.17 -42.02
C MET A 521 -6.78 20.63 -42.04
N TYR A 522 -7.06 21.74 -41.37
CA TYR A 522 -8.41 22.30 -41.30
C TYR A 522 -8.36 23.82 -41.18
N LEU A 523 -9.48 24.47 -41.43
CA LEU A 523 -9.58 25.91 -41.26
C LEU A 523 -10.65 26.21 -40.22
N GLN A 524 -10.56 27.39 -39.60
CA GLN A 524 -11.54 27.81 -38.60
C GLN A 524 -12.96 27.69 -39.16
N SER A 525 -13.07 27.86 -40.47
CA SER A 525 -14.33 27.74 -41.19
C SER A 525 -14.84 26.29 -41.21
N ASP A 526 -13.94 25.34 -40.99
CA ASP A 526 -14.32 23.93 -41.00
C ASP A 526 -15.03 23.51 -39.70
N PHE A 527 -15.06 24.41 -38.72
CA PHE A 527 -15.55 24.04 -37.39
C PHE A 527 -16.88 24.68 -37.02
N ASP A 528 -17.84 23.85 -36.62
CA ASP A 528 -19.09 24.34 -36.05
C ASP A 528 -19.34 23.66 -34.70
N LEU A 529 -18.72 24.19 -33.66
CA LEU A 529 -18.75 23.57 -32.34
C LEU A 529 -19.50 24.42 -31.31
N GLY A 530 -19.89 25.62 -31.72
CA GLY A 530 -20.64 26.50 -30.83
C GLY A 530 -19.75 27.30 -29.90
N CYS A 531 -18.45 27.27 -30.17
CA CYS A 531 -17.50 28.00 -29.34
C CYS A 531 -17.32 29.45 -29.81
N THR A 532 -16.94 30.33 -28.88
CA THR A 532 -16.72 31.73 -29.19
C THR A 532 -15.49 32.28 -28.47
N CYS A 533 -14.68 33.03 -29.20
CA CYS A 533 -13.58 33.75 -28.59
C CYS A 533 -13.59 35.22 -29.02
N ASP A 534 -13.78 36.10 -28.04
CA ASP A 534 -14.01 37.52 -28.30
C ASP A 534 -12.82 38.23 -28.93
N ASP A 535 -11.62 37.69 -28.71
CA ASP A 535 -10.44 38.27 -29.32
C ASP A 535 -9.76 37.22 -30.19
N LYS A 536 -8.75 37.66 -30.95
CA LYS A 536 -7.93 36.74 -31.73
C LYS A 536 -6.46 37.16 -31.71
N ASN A 537 -5.57 36.17 -31.74
CA ASN A 537 -4.15 36.42 -31.90
C ASN A 537 -3.83 36.23 -33.37
N LYS A 538 -3.75 37.33 -34.09
CA LYS A 538 -3.46 37.30 -35.52
C LYS A 538 -1.97 37.05 -35.78
N LEU A 539 -1.18 37.13 -34.71
CA LEU A 539 0.28 37.01 -34.82
C LEU A 539 0.75 35.56 -34.95
N GLU A 540 0.06 34.64 -34.26
CA GLU A 540 0.39 33.23 -34.36
C GLU A 540 -0.11 32.64 -35.68
N GLU A 541 -0.99 33.40 -36.34
CA GLU A 541 -1.46 33.06 -37.67
C GLU A 541 -0.37 33.45 -38.70
N LEU A 542 0.60 34.24 -38.25
CA LEU A 542 1.79 34.53 -39.03
C LEU A 542 2.96 33.67 -38.57
N ASN A 543 2.74 32.91 -37.50
CA ASN A 543 3.71 31.92 -37.04
C ASN A 543 3.66 30.71 -37.95
N LYS A 544 4.69 30.56 -38.78
CA LYS A 544 4.75 29.44 -39.72
C LYS A 544 5.17 28.16 -39.00
N ARG A 545 6.00 28.29 -37.97
CA ARG A 545 6.43 27.13 -37.19
C ARG A 545 5.52 26.91 -35.98
N LEU A 546 4.32 27.47 -36.04
CA LEU A 546 3.32 27.35 -34.97
C LEU A 546 2.97 25.90 -34.66
N HIS A 547 3.18 25.50 -33.41
CA HIS A 547 2.82 24.17 -32.91
C HIS A 547 3.65 23.04 -33.54
N THR A 548 4.87 23.38 -33.95
CA THR A 548 5.85 22.37 -34.35
C THR A 548 6.62 22.00 -33.10
N LYS A 549 7.44 20.95 -33.17
CA LYS A 549 8.17 20.49 -31.99
C LYS A 549 9.03 21.59 -31.37
N GLY A 550 10.04 22.05 -32.11
CA GLY A 550 10.95 23.04 -31.59
C GLY A 550 11.56 22.57 -30.28
N SER A 551 11.67 23.47 -29.32
CA SER A 551 12.26 23.14 -28.04
C SER A 551 11.19 22.81 -27.00
N THR A 552 9.98 22.52 -27.46
CA THR A 552 8.86 22.21 -26.58
C THR A 552 9.13 20.93 -25.79
N GLU A 553 9.53 19.89 -26.50
CA GLU A 553 9.76 18.60 -25.88
C GLU A 553 10.85 18.66 -24.80
N GLU A 554 11.98 19.30 -25.11
CA GLU A 554 13.06 19.36 -24.14
C GLU A 554 12.76 20.31 -22.98
N ARG A 555 11.78 21.19 -23.15
CA ARG A 555 11.39 22.09 -22.06
C ARG A 555 10.23 21.55 -21.21
N HIS A 556 9.28 20.89 -21.85
CA HIS A 556 8.03 20.52 -21.17
C HIS A 556 7.83 19.01 -20.96
N LEU A 557 8.63 18.20 -21.65
CA LEU A 557 8.49 16.75 -21.55
C LEU A 557 9.82 16.10 -21.12
N LEU A 558 10.18 16.28 -19.84
CA LEU A 558 11.53 15.99 -19.36
C LEU A 558 11.94 14.53 -19.28
N TYR A 559 10.98 13.61 -19.25
CA TYR A 559 11.28 12.20 -19.01
C TYR A 559 10.76 11.29 -20.13
N GLY A 560 10.55 11.88 -21.30
CA GLY A 560 10.04 11.15 -22.45
C GLY A 560 8.52 11.15 -22.42
N ARG A 561 7.90 10.82 -23.55
CA ARG A 561 6.45 10.74 -23.56
C ARG A 561 5.97 9.47 -22.83
N PRO A 562 4.84 9.57 -22.13
CA PRO A 562 4.23 8.36 -21.55
C PRO A 562 3.91 7.37 -22.66
N ALA A 563 4.19 6.08 -22.46
CA ALA A 563 3.75 5.08 -23.44
C ALA A 563 2.29 4.73 -23.18
N VAL A 564 1.54 4.55 -24.25
CA VAL A 564 0.15 4.11 -24.14
C VAL A 564 0.15 2.60 -24.25
N LEU A 565 -0.32 1.93 -23.20
CA LEU A 565 -0.21 0.48 -23.14
C LEU A 565 -1.53 -0.23 -23.48
N TYR A 566 -2.39 0.47 -24.22
CA TYR A 566 -3.64 -0.12 -24.70
C TYR A 566 -3.90 0.34 -26.14
N ARG A 567 -4.85 -0.29 -26.81
CA ARG A 567 -5.12 0.03 -28.22
C ARG A 567 -6.08 1.20 -28.33
N THR A 568 -5.59 2.30 -28.89
CA THR A 568 -6.40 3.52 -28.98
C THR A 568 -5.78 4.41 -30.04
N SER A 569 -6.38 5.58 -30.26
CA SER A 569 -5.87 6.52 -31.24
C SER A 569 -5.68 7.91 -30.65
N TYR A 570 -4.44 8.41 -30.71
CA TYR A 570 -4.12 9.69 -30.10
C TYR A 570 -3.07 10.50 -30.86
N ASP A 571 -3.05 11.82 -30.61
CA ASP A 571 -2.18 12.75 -31.33
C ASP A 571 -1.27 13.52 -30.36
N ILE A 572 0.00 13.63 -30.71
CA ILE A 572 0.88 14.53 -29.98
C ILE A 572 0.61 15.95 -30.44
N LEU A 573 0.39 16.87 -29.50
CA LEU A 573 0.16 18.26 -29.86
C LEU A 573 1.17 19.11 -29.13
N TYR A 574 1.84 20.01 -29.86
CA TYR A 574 2.87 20.88 -29.28
C TYR A 574 2.38 22.31 -29.09
N HIS A 575 2.93 22.98 -28.09
CA HIS A 575 2.59 24.35 -27.80
C HIS A 575 3.83 24.96 -27.17
N THR A 576 3.89 26.28 -27.13
CA THR A 576 5.01 26.96 -26.52
C THR A 576 5.13 26.59 -25.04
N ASP A 577 3.98 26.47 -24.38
CA ASP A 577 3.94 26.33 -22.93
C ASP A 577 3.70 24.91 -22.43
N PHE A 578 3.33 24.00 -23.33
CA PHE A 578 3.03 22.63 -22.95
C PHE A 578 2.92 21.69 -24.14
N GLU A 579 3.01 20.40 -23.87
CA GLU A 579 2.74 19.36 -24.86
C GLU A 579 1.62 18.48 -24.32
N SER A 580 0.88 17.80 -25.19
CA SER A 580 -0.19 16.93 -24.74
C SER A 580 -0.37 15.73 -25.65
N GLY A 581 -0.96 14.67 -25.13
CA GLY A 581 -1.29 13.49 -25.92
C GLY A 581 -2.80 13.40 -26.04
N TYR A 582 -3.33 13.96 -27.12
CA TYR A 582 -4.78 14.12 -27.28
C TYR A 582 -5.44 12.87 -27.83
N SER A 583 -6.46 12.38 -27.14
CA SER A 583 -7.15 11.16 -27.54
C SER A 583 -8.29 11.47 -28.51
N GLU A 584 -8.26 10.84 -29.67
CA GLU A 584 -9.31 11.03 -30.66
C GLU A 584 -10.56 10.26 -30.28
N ILE A 585 -10.44 9.38 -29.28
CA ILE A 585 -11.55 8.56 -28.84
C ILE A 585 -12.27 9.21 -27.65
N PHE A 586 -11.50 9.71 -26.69
CA PHE A 586 -12.11 10.25 -25.48
C PHE A 586 -12.27 11.76 -25.54
N LEU A 587 -11.77 12.36 -26.62
CA LEU A 587 -12.02 13.76 -26.96
C LEU A 587 -11.38 14.75 -26.00
N MET A 588 -10.19 14.38 -25.53
CA MET A 588 -9.46 15.16 -24.55
C MET A 588 -8.10 14.50 -24.41
N PRO A 589 -7.14 15.23 -23.85
CA PRO A 589 -5.82 14.61 -23.66
C PRO A 589 -5.85 13.48 -22.63
N LEU A 590 -5.03 12.45 -22.87
CA LEU A 590 -4.79 11.39 -21.92
C LEU A 590 -3.81 11.92 -20.89
N TRP A 591 -3.03 12.90 -21.33
CA TRP A 591 -2.01 13.54 -20.51
C TRP A 591 -1.58 14.87 -21.14
N THR A 592 -1.19 15.80 -20.28
CA THR A 592 -0.76 17.14 -20.67
C THR A 592 0.44 17.45 -19.81
N SER A 593 1.55 17.77 -20.44
CA SER A 593 2.80 17.90 -19.72
C SER A 593 3.44 19.28 -19.90
N TYR A 594 3.87 19.89 -18.80
CA TYR A 594 4.46 21.23 -18.85
C TYR A 594 5.39 21.50 -17.68
N THR A 595 6.35 22.40 -17.88
CA THR A 595 7.32 22.76 -16.86
C THR A 595 7.16 24.23 -16.45
N ILE A 596 7.20 24.47 -15.13
CA ILE A 596 7.07 25.81 -14.56
C ILE A 596 8.35 26.12 -13.79
N SER A 597 9.08 27.13 -14.23
CA SER A 597 10.34 27.47 -13.56
C SER A 597 10.05 28.15 -12.23
N LYS A 598 11.04 28.16 -11.35
CA LYS A 598 10.92 28.84 -10.07
C LYS A 598 10.50 30.30 -10.22
N GLN A 599 10.98 30.92 -11.29
CA GLN A 599 10.80 32.36 -11.47
C GLN A 599 9.57 32.70 -12.30
N ALA A 600 8.79 31.68 -12.65
CA ALA A 600 7.64 31.86 -13.53
C ALA A 600 6.61 32.85 -12.97
N GLU A 601 5.81 33.42 -13.86
CA GLU A 601 4.82 34.43 -13.49
C GLU A 601 3.39 33.92 -13.62
N VAL A 602 2.56 34.24 -12.62
CA VAL A 602 1.15 33.96 -12.69
C VAL A 602 0.43 35.19 -13.26
N SER A 603 -0.49 34.97 -14.20
CA SER A 603 -1.24 36.06 -14.80
C SER A 603 -2.73 35.72 -14.83
N SER A 604 -3.56 36.70 -15.16
CA SER A 604 -5.01 36.50 -15.14
C SER A 604 -5.53 35.95 -16.46
N ILE A 605 -6.81 35.62 -16.49
CA ILE A 605 -7.51 35.42 -17.75
C ILE A 605 -8.22 36.72 -18.02
N PRO A 606 -7.80 37.44 -19.08
CA PRO A 606 -8.36 38.75 -19.43
C PRO A 606 -9.88 38.71 -19.55
N GLU A 607 -10.54 39.81 -19.19
CA GLU A 607 -12.00 39.90 -19.15
C GLU A 607 -12.68 39.41 -20.43
N HIS A 608 -12.11 39.76 -21.59
CA HIS A 608 -12.73 39.43 -22.86
C HIS A 608 -12.50 37.97 -23.25
N LEU A 609 -11.67 37.27 -22.47
CA LEU A 609 -11.35 35.88 -22.77
C LEU A 609 -11.96 34.90 -21.79
N THR A 610 -12.75 35.43 -20.85
CA THR A 610 -13.38 34.63 -19.81
C THR A 610 -14.07 33.38 -20.35
N ASN A 611 -14.84 33.54 -21.43
CA ASN A 611 -15.58 32.42 -21.99
C ASN A 611 -15.01 31.93 -23.30
N CYS A 612 -13.73 32.25 -23.56
CA CYS A 612 -13.08 31.88 -24.80
C CYS A 612 -12.75 30.39 -24.93
N VAL A 613 -13.21 29.78 -26.01
CA VAL A 613 -12.75 28.46 -26.41
C VAL A 613 -12.49 28.45 -27.91
N ARG A 614 -11.28 28.07 -28.30
CA ARG A 614 -10.89 28.11 -29.70
C ARG A 614 -10.78 26.70 -30.29
N PRO A 615 -11.29 26.51 -31.51
CA PRO A 615 -11.16 25.23 -32.22
C PRO A 615 -9.70 24.95 -32.57
N ASP A 616 -9.35 23.68 -32.76
CA ASP A 616 -7.96 23.30 -33.03
C ASP A 616 -7.83 22.73 -34.43
N VAL A 617 -7.27 23.54 -35.33
CA VAL A 617 -7.12 23.15 -36.74
C VAL A 617 -6.33 21.86 -36.95
N ARG A 618 -5.57 21.43 -35.94
CA ARG A 618 -4.80 20.20 -36.05
C ARG A 618 -5.69 18.97 -35.96
N VAL A 619 -6.84 19.13 -35.32
CA VAL A 619 -7.70 18.00 -35.03
C VAL A 619 -9.06 18.19 -35.66
N SER A 620 -9.54 17.14 -36.31
CA SER A 620 -10.84 17.11 -36.97
C SER A 620 -11.97 17.56 -36.06
N PRO A 621 -12.96 18.26 -36.63
CA PRO A 621 -14.15 18.66 -35.86
C PRO A 621 -14.90 17.44 -35.33
N GLY A 622 -14.71 16.29 -35.99
CA GLY A 622 -15.34 15.06 -35.56
C GLY A 622 -14.69 14.51 -34.30
N PHE A 623 -13.42 14.83 -34.08
CA PHE A 623 -12.68 14.39 -32.89
C PHE A 623 -12.50 15.54 -31.92
N SER A 624 -13.47 16.46 -31.90
CA SER A 624 -13.42 17.61 -31.02
C SER A 624 -14.70 17.66 -30.18
N GLN A 625 -14.60 18.22 -28.97
CA GLN A 625 -15.77 18.47 -28.16
C GLN A 625 -16.49 19.68 -28.73
N ASN A 626 -17.68 19.98 -28.24
CA ASN A 626 -18.39 21.19 -28.65
C ASN A 626 -18.93 21.96 -27.47
N CYS A 627 -18.85 23.29 -27.55
CA CYS A 627 -19.23 24.14 -26.43
C CYS A 627 -20.74 24.20 -26.23
N LEU A 628 -21.50 23.74 -27.22
CA LEU A 628 -22.95 23.73 -27.14
C LEU A 628 -23.42 22.80 -26.02
N ALA A 629 -22.83 21.61 -25.97
CA ALA A 629 -23.07 20.65 -24.90
C ALA A 629 -22.89 21.29 -23.52
N TYR A 630 -21.87 22.11 -23.40
CA TYR A 630 -21.61 22.78 -22.13
C TYR A 630 -22.62 23.90 -21.86
N LYS A 631 -23.16 24.49 -22.91
CA LYS A 631 -24.20 25.50 -22.75
C LYS A 631 -25.53 24.82 -22.39
N ASN A 632 -25.71 23.60 -22.88
CA ASN A 632 -26.92 22.84 -22.60
C ASN A 632 -26.91 22.25 -21.18
N ASP A 633 -25.83 21.56 -20.83
CA ASP A 633 -25.70 20.94 -19.51
C ASP A 633 -25.65 22.00 -18.42
N LYS A 634 -26.75 22.15 -17.68
CA LYS A 634 -26.84 23.17 -16.65
C LYS A 634 -26.01 22.83 -15.41
N GLN A 635 -25.48 21.61 -15.34
CA GLN A 635 -24.72 21.22 -14.15
C GLN A 635 -23.22 21.09 -14.42
N MET A 636 -22.88 20.71 -15.64
CA MET A 636 -21.48 20.52 -15.99
C MET A 636 -20.88 21.82 -16.55
N SER A 637 -19.69 22.17 -16.08
CA SER A 637 -18.92 23.25 -16.70
C SER A 637 -17.67 22.65 -17.31
N TYR A 638 -16.61 23.44 -17.46
CA TYR A 638 -15.39 22.91 -18.06
C TYR A 638 -14.15 23.57 -17.50
N GLY A 639 -13.01 22.94 -17.70
CA GLY A 639 -11.75 23.50 -17.27
C GLY A 639 -10.66 23.20 -18.28
N PHE A 640 -9.45 23.68 -18.00
CA PHE A 640 -8.31 23.40 -18.85
C PHE A 640 -7.19 22.66 -18.13
N LEU A 641 -6.57 21.70 -18.81
CA LEU A 641 -5.44 20.96 -18.27
C LEU A 641 -4.15 21.80 -18.14
N PHE A 642 -3.72 22.45 -19.22
CA PHE A 642 -2.71 23.50 -19.05
C PHE A 642 -3.39 24.80 -18.64
N PRO A 643 -2.96 25.39 -17.53
CA PRO A 643 -3.62 26.59 -16.99
C PRO A 643 -3.22 27.89 -17.71
N PRO A 644 -4.23 28.61 -18.26
CA PRO A 644 -4.02 29.93 -18.84
C PRO A 644 -3.28 30.86 -17.88
N TYR A 645 -3.46 30.64 -16.57
CA TYR A 645 -2.79 31.45 -15.57
C TYR A 645 -1.26 31.41 -15.67
N LEU A 646 -0.72 30.38 -16.31
CA LEU A 646 0.73 30.17 -16.32
C LEU A 646 1.33 30.27 -17.72
N SER A 647 0.59 30.90 -18.63
CA SER A 647 1.12 31.22 -19.94
C SER A 647 2.40 32.07 -19.85
N SER A 648 3.31 31.82 -20.78
CA SER A 648 4.61 32.50 -20.84
C SER A 648 4.50 33.93 -21.36
N SER A 649 3.41 34.23 -22.05
CA SER A 649 3.21 35.54 -22.65
C SER A 649 1.73 35.71 -22.94
N PRO A 650 1.26 36.96 -23.04
CA PRO A 650 -0.12 37.21 -23.46
C PRO A 650 -0.44 36.51 -24.78
N GLU A 651 0.55 36.40 -25.66
CA GLU A 651 0.39 35.72 -26.94
C GLU A 651 0.16 34.21 -26.77
N ALA A 652 0.99 33.60 -25.92
CA ALA A 652 0.98 32.15 -25.75
C ALA A 652 -0.30 31.69 -25.07
N LYS A 653 -0.83 32.55 -24.21
CA LYS A 653 -2.05 32.27 -23.44
C LYS A 653 -3.20 31.79 -24.31
N TYR A 654 -3.19 32.19 -25.59
CA TYR A 654 -4.21 31.77 -26.54
C TYR A 654 -4.20 30.27 -26.80
N ASP A 655 -3.03 29.65 -26.70
CA ASP A 655 -2.91 28.20 -26.81
C ASP A 655 -3.72 27.48 -25.72
N ALA A 656 -3.79 28.09 -24.54
CA ALA A 656 -4.45 27.46 -23.41
C ALA A 656 -5.96 27.32 -23.63
N PHE A 657 -6.52 28.12 -24.54
CA PHE A 657 -7.96 28.14 -24.72
C PHE A 657 -8.43 27.21 -25.82
N LEU A 658 -7.51 26.43 -26.36
CA LEU A 658 -7.87 25.45 -27.38
C LEU A 658 -8.85 24.41 -26.87
N VAL A 659 -9.76 23.99 -27.74
CA VAL A 659 -10.75 22.95 -27.43
C VAL A 659 -10.11 21.61 -27.07
N THR A 660 -8.83 21.45 -27.42
CA THR A 660 -8.12 20.20 -27.18
C THR A 660 -7.35 20.24 -25.87
N ASN A 661 -7.57 21.30 -25.10
CA ASN A 661 -6.98 21.47 -23.79
C ASN A 661 -8.13 21.52 -22.79
N MET A 662 -9.34 21.28 -23.30
CA MET A 662 -10.55 21.44 -22.53
C MET A 662 -11.00 20.12 -21.90
N VAL A 663 -11.46 20.18 -20.66
CA VAL A 663 -12.05 18.98 -20.01
C VAL A 663 -13.29 19.33 -19.17
N PRO A 664 -14.24 18.39 -19.08
CA PRO A 664 -15.46 18.73 -18.35
C PRO A 664 -15.26 18.68 -16.85
N MET A 665 -15.61 19.77 -16.17
CA MET A 665 -15.53 19.82 -14.73
C MET A 665 -16.77 20.43 -14.13
N TYR A 666 -17.24 19.81 -13.06
CA TYR A 666 -18.29 20.41 -12.26
C TYR A 666 -17.76 21.67 -11.67
N PRO A 667 -18.63 22.70 -11.52
CA PRO A 667 -18.22 23.91 -10.82
C PRO A 667 -17.63 23.62 -9.42
N ALA A 668 -18.18 22.64 -8.70
CA ALA A 668 -17.58 22.25 -7.42
C ALA A 668 -16.11 21.86 -7.58
N PHE A 669 -15.82 21.03 -8.58
CA PHE A 669 -14.45 20.62 -8.80
C PHE A 669 -13.58 21.78 -9.26
N LYS A 670 -14.17 22.69 -10.03
CA LYS A 670 -13.43 23.83 -10.53
C LYS A 670 -12.91 24.71 -9.40
N ARG A 671 -13.62 24.72 -8.28
CA ARG A 671 -13.15 25.49 -7.14
C ARG A 671 -11.78 24.98 -6.71
N VAL A 672 -11.58 23.67 -6.83
CA VAL A 672 -10.34 23.04 -6.41
C VAL A 672 -9.28 23.19 -7.50
N TRP A 673 -9.67 22.87 -8.72
CA TRP A 673 -8.76 22.87 -9.86
C TRP A 673 -8.19 24.25 -10.17
N THR A 674 -9.03 25.28 -10.15
CA THR A 674 -8.55 26.63 -10.41
C THR A 674 -7.54 27.06 -9.34
N TYR A 675 -7.83 26.75 -8.08
CA TYR A 675 -6.90 27.10 -7.01
C TYR A 675 -5.60 26.33 -7.17
N PHE A 676 -5.71 25.09 -7.64
CA PHE A 676 -4.53 24.29 -7.93
C PHE A 676 -3.72 24.96 -9.05
N GLN A 677 -4.40 25.29 -10.14
CA GLN A 677 -3.74 25.85 -11.31
C GLN A 677 -3.13 27.23 -11.03
N ARG A 678 -3.85 28.07 -10.29
CA ARG A 678 -3.48 29.49 -10.14
C ARG A 678 -2.56 29.77 -8.96
N VAL A 679 -2.73 29.04 -7.87
CA VAL A 679 -1.95 29.30 -6.68
C VAL A 679 -0.93 28.18 -6.40
N LEU A 680 -1.37 26.93 -6.42
CA LEU A 680 -0.53 25.83 -5.92
C LEU A 680 0.65 25.42 -6.81
N VAL A 681 0.44 25.37 -8.11
CA VAL A 681 1.51 24.95 -9.01
C VAL A 681 2.70 25.90 -8.91
N LYS A 682 2.41 27.19 -8.87
CA LYS A 682 3.48 28.19 -8.73
C LYS A 682 4.15 28.07 -7.37
N LYS A 683 3.35 27.80 -6.34
CA LYS A 683 3.91 27.58 -5.01
C LYS A 683 4.89 26.41 -5.01
N TYR A 684 4.53 25.33 -5.70
CA TYR A 684 5.39 24.15 -5.81
C TYR A 684 6.68 24.49 -6.57
N ALA A 685 6.55 25.20 -7.69
CA ALA A 685 7.70 25.62 -8.49
C ALA A 685 8.65 26.50 -7.67
N SER A 686 8.08 27.39 -6.87
CA SER A 686 8.87 28.24 -5.99
C SER A 686 9.66 27.42 -4.97
N GLU A 687 9.00 26.44 -4.33
CA GLU A 687 9.61 25.67 -3.24
C GLU A 687 10.55 24.57 -3.73
N ARG A 688 10.34 24.08 -4.94
CA ARG A 688 11.11 22.92 -5.43
C ARG A 688 12.11 23.29 -6.52
N ASN A 689 12.22 24.59 -6.77
CA ASN A 689 13.10 25.13 -7.80
C ASN A 689 12.64 24.66 -9.17
N GLY A 690 11.39 25.00 -9.48
CA GLY A 690 10.76 24.57 -10.72
C GLY A 690 10.08 23.22 -10.58
N VAL A 691 9.00 23.00 -11.32
CA VAL A 691 8.37 21.68 -11.37
C VAL A 691 7.93 21.31 -12.77
N ASN A 692 7.98 20.01 -13.07
CA ASN A 692 7.33 19.47 -14.25
C ASN A 692 5.99 18.87 -13.84
N VAL A 693 4.93 19.22 -14.55
CA VAL A 693 3.59 18.74 -14.24
C VAL A 693 3.05 17.91 -15.37
N ILE A 694 2.55 16.72 -15.08
CA ILE A 694 1.70 16.03 -16.05
C ILE A 694 0.31 15.85 -15.46
N SER A 695 -0.71 16.40 -16.13
CA SER A 695 -2.09 16.30 -15.65
C SER A 695 -2.94 15.55 -16.66
N GLY A 696 -4.06 15.00 -16.20
CA GLY A 696 -4.96 14.30 -17.10
C GLY A 696 -6.19 13.76 -16.41
N PRO A 697 -7.08 13.12 -17.17
CA PRO A 697 -8.31 12.51 -16.68
C PRO A 697 -8.12 11.04 -16.34
N ILE A 698 -9.01 10.53 -15.50
CA ILE A 698 -9.05 9.11 -15.18
C ILE A 698 -10.49 8.66 -15.24
N PHE A 699 -10.73 7.48 -15.81
CA PHE A 699 -12.06 6.88 -15.85
C PHE A 699 -12.11 5.56 -15.08
N ASP A 700 -12.79 5.57 -13.94
CA ASP A 700 -12.91 4.36 -13.14
C ASP A 700 -14.31 4.19 -12.54
N TYR A 701 -15.30 4.08 -13.42
CA TYR A 701 -16.71 3.99 -12.99
C TYR A 701 -17.06 2.76 -12.17
N ASN A 702 -16.31 1.67 -12.39
CA ASN A 702 -16.52 0.44 -11.66
C ASN A 702 -15.54 0.29 -10.49
N TYR A 703 -14.84 1.38 -10.16
CA TYR A 703 -14.00 1.48 -8.97
C TYR A 703 -13.09 0.27 -8.69
N ASN A 704 -12.49 -0.28 -9.75
CA ASN A 704 -11.57 -1.41 -9.60
C ASN A 704 -10.11 -0.97 -9.67
N GLY A 705 -9.89 0.34 -9.78
CA GLY A 705 -8.53 0.88 -9.76
C GLY A 705 -7.84 0.78 -11.10
N LEU A 706 -8.60 0.39 -12.12
CA LEU A 706 -8.03 0.15 -13.45
C LEU A 706 -8.74 0.97 -14.53
N ARG A 707 -7.96 1.40 -15.52
CA ARG A 707 -8.47 2.12 -16.68
C ARG A 707 -9.78 1.53 -17.19
N ASP A 708 -10.83 2.34 -17.27
CA ASP A 708 -12.09 1.87 -17.85
C ASP A 708 -11.98 1.68 -19.38
N ILE A 709 -12.66 0.68 -19.91
CA ILE A 709 -12.87 0.59 -21.35
C ILE A 709 -14.11 1.43 -21.67
N GLU A 710 -14.36 1.73 -22.94
CA GLU A 710 -15.45 2.65 -23.29
C GLU A 710 -16.81 2.20 -22.75
N ASP A 711 -17.05 0.91 -22.81
CA ASP A 711 -18.29 0.31 -22.34
C ASP A 711 -18.55 0.57 -20.85
N GLU A 712 -17.49 0.91 -20.11
CA GLU A 712 -17.60 1.07 -18.66
C GLU A 712 -17.87 2.51 -18.21
N ILE A 713 -17.60 3.47 -19.09
CA ILE A 713 -17.90 4.87 -18.81
C ILE A 713 -19.42 5.07 -18.79
N LYS A 714 -19.91 5.77 -17.78
CA LYS A 714 -21.35 5.80 -17.53
C LYS A 714 -21.97 7.19 -17.59
N GLN A 715 -21.13 8.21 -17.64
CA GLN A 715 -21.62 9.57 -17.70
C GLN A 715 -20.96 10.37 -18.83
N TYR A 716 -21.76 11.17 -19.53
CA TYR A 716 -21.30 12.03 -20.62
C TYR A 716 -21.83 13.45 -20.44
N VAL A 717 -21.19 14.44 -21.06
CA VAL A 717 -21.72 15.81 -21.04
C VAL A 717 -23.09 15.77 -21.76
N GLU A 718 -24.04 16.51 -21.23
CA GLU A 718 -25.44 16.46 -21.69
C GLU A 718 -25.60 16.55 -23.20
N GLY A 719 -26.29 15.57 -23.77
CA GLY A 719 -26.59 15.56 -25.19
C GLY A 719 -25.36 15.47 -26.08
N SER A 720 -24.29 14.89 -25.56
CA SER A 720 -23.05 14.74 -26.32
C SER A 720 -22.39 13.43 -25.97
N SER A 721 -21.26 13.13 -26.62
CA SER A 721 -20.53 11.91 -26.28
C SER A 721 -19.16 12.21 -25.68
N ILE A 722 -19.04 13.38 -25.07
CA ILE A 722 -17.83 13.72 -24.32
C ILE A 722 -17.89 13.00 -22.96
N PRO A 723 -17.02 12.00 -22.74
CA PRO A 723 -17.06 11.27 -21.47
C PRO A 723 -16.60 12.11 -20.27
N VAL A 724 -17.16 11.80 -19.11
CA VAL A 724 -16.85 12.55 -17.89
C VAL A 724 -15.92 11.72 -17.00
N PRO A 725 -14.72 12.24 -16.75
CA PRO A 725 -13.75 11.57 -15.86
C PRO A 725 -14.30 11.43 -14.45
N THR A 726 -13.95 10.34 -13.77
CA THR A 726 -14.30 10.20 -12.35
C THR A 726 -13.28 10.90 -11.48
N HIS A 727 -12.08 11.08 -12.01
CA HIS A 727 -11.01 11.71 -11.27
C HIS A 727 -10.12 12.50 -12.20
N TYR A 728 -9.33 13.43 -11.66
CA TYR A 728 -8.26 14.03 -12.42
C TYR A 728 -6.95 13.87 -11.67
N TYR A 729 -5.89 13.50 -12.38
CA TYR A 729 -4.60 13.31 -11.73
C TYR A 729 -3.64 14.45 -12.05
N SER A 730 -2.65 14.62 -11.18
CA SER A 730 -1.50 15.44 -11.51
C SER A 730 -0.25 14.78 -10.95
N ILE A 731 0.83 14.76 -11.73
CA ILE A 731 2.08 14.18 -11.27
C ILE A 731 3.11 15.30 -11.34
N ILE A 732 3.67 15.64 -10.19
CA ILE A 732 4.55 16.79 -10.05
C ILE A 732 5.97 16.33 -9.70
N THR A 733 6.89 16.56 -10.63
CA THR A 733 8.26 16.04 -10.53
C THR A 733 9.28 17.18 -10.50
N SER A 734 10.32 17.03 -9.69
CA SER A 734 11.42 17.99 -9.69
C SER A 734 12.75 17.28 -9.41
N CYS A 735 13.82 18.04 -9.20
CA CYS A 735 15.11 17.43 -8.95
C CYS A 735 15.19 17.14 -7.46
N LEU A 736 15.65 15.93 -7.10
CA LEU A 736 15.82 15.61 -5.67
C LEU A 736 16.81 16.60 -5.07
N ASP A 737 17.87 16.87 -5.82
CA ASP A 737 18.77 17.96 -5.50
C ASP A 737 18.05 19.26 -5.83
N PHE A 738 17.42 19.88 -4.82
CA PHE A 738 16.65 21.09 -5.07
C PHE A 738 17.51 22.29 -5.53
N THR A 739 18.83 22.18 -5.44
CA THR A 739 19.68 23.26 -5.92
C THR A 739 19.77 23.29 -7.44
N GLN A 740 19.32 22.22 -8.09
CA GLN A 740 19.24 22.21 -9.54
C GLN A 740 17.81 22.41 -10.02
N PRO A 741 17.62 23.29 -11.02
CA PRO A 741 16.29 23.49 -11.58
C PRO A 741 15.74 22.18 -12.12
N ALA A 742 14.42 22.04 -12.09
CA ALA A 742 13.77 20.81 -12.52
C ALA A 742 14.14 20.41 -13.95
N ASP A 743 14.30 21.40 -14.83
CA ASP A 743 14.56 21.13 -16.24
C ASP A 743 16.03 20.81 -16.55
N LYS A 744 16.89 21.00 -15.56
CA LYS A 744 18.31 20.71 -15.72
C LYS A 744 18.79 19.84 -14.58
N CYS A 745 18.11 18.73 -14.33
CA CYS A 745 18.45 17.87 -13.20
C CYS A 745 19.43 16.76 -13.58
N ASP A 746 20.51 16.65 -12.83
CA ASP A 746 21.54 15.66 -13.11
C ASP A 746 21.25 14.26 -12.57
N GLY A 747 20.65 14.17 -11.39
CA GLY A 747 20.52 12.89 -10.69
C GLY A 747 19.09 12.46 -10.39
N PRO A 748 18.86 11.92 -9.19
CA PRO A 748 17.56 11.37 -8.79
C PRO A 748 16.46 12.43 -8.75
N LEU A 749 15.23 11.98 -8.95
CA LEU A 749 14.07 12.85 -9.04
C LEU A 749 13.31 12.88 -7.73
N SER A 750 12.44 13.88 -7.59
CA SER A 750 11.54 13.97 -6.46
C SER A 750 10.13 14.09 -7.04
N VAL A 751 9.18 13.32 -6.50
CA VAL A 751 7.84 13.30 -7.10
C VAL A 751 6.73 13.38 -6.04
N SER A 752 5.65 14.08 -6.36
CA SER A 752 4.42 13.95 -5.61
C SER A 752 3.27 13.97 -6.62
N SER A 753 2.19 13.26 -6.29
CA SER A 753 1.06 13.14 -7.21
C SER A 753 -0.25 13.09 -6.46
N PHE A 754 -1.34 13.27 -7.21
CA PHE A 754 -2.67 13.30 -6.64
C PHE A 754 -3.63 12.65 -7.62
N ILE A 755 -4.69 12.06 -7.08
CA ILE A 755 -5.81 11.62 -7.90
C ILE A 755 -7.06 12.23 -7.26
N LEU A 756 -7.51 13.38 -7.79
CA LEU A 756 -8.61 14.12 -7.19
C LEU A 756 -9.95 13.58 -7.67
N PRO A 757 -10.88 13.36 -6.74
CA PRO A 757 -12.21 12.86 -7.12
C PRO A 757 -12.99 13.95 -7.86
N HIS A 758 -13.63 13.59 -8.96
CA HIS A 758 -14.40 14.57 -9.72
C HIS A 758 -15.84 14.49 -9.26
N ARG A 759 -16.19 15.35 -8.30
CA ARG A 759 -17.50 15.28 -7.69
C ARG A 759 -18.32 16.55 -7.89
N PRO A 760 -19.65 16.41 -7.95
CA PRO A 760 -20.53 17.56 -8.20
C PRO A 760 -20.74 18.47 -6.98
N ASP A 761 -20.18 18.10 -5.82
CA ASP A 761 -20.24 18.95 -4.65
C ASP A 761 -18.94 18.84 -3.85
N ASN A 762 -18.79 19.72 -2.86
CA ASN A 762 -17.66 19.62 -1.93
C ASN A 762 -18.05 19.17 -0.52
N ASP A 763 -18.99 18.23 -0.45
CA ASP A 763 -19.48 17.74 0.83
C ASP A 763 -18.36 17.08 1.64
N GLU A 764 -17.35 16.55 0.94
CA GLU A 764 -16.23 15.89 1.56
C GLU A 764 -15.43 16.90 2.40
N SER A 765 -15.39 18.14 1.93
CA SER A 765 -14.64 19.19 2.62
C SER A 765 -15.55 20.04 3.48
N CYS A 766 -15.53 19.80 4.79
CA CYS A 766 -16.49 20.44 5.71
C CYS A 766 -16.37 21.97 5.76
N ASN A 767 -15.20 22.48 5.39
CA ASN A 767 -14.93 23.92 5.43
C ASN A 767 -14.96 24.57 4.05
N SER A 768 -15.63 23.92 3.10
CA SER A 768 -15.60 24.36 1.71
C SER A 768 -16.37 25.67 1.48
N SER A 769 -17.15 26.09 2.48
CA SER A 769 -17.88 27.35 2.33
C SER A 769 -16.89 28.50 2.40
N GLU A 770 -15.76 28.27 3.05
CA GLU A 770 -14.74 29.29 3.23
C GLU A 770 -13.88 29.46 1.99
N ASP A 771 -12.90 30.35 2.05
CA ASP A 771 -11.98 30.58 0.93
C ASP A 771 -11.20 29.30 0.67
N GLU A 772 -10.84 29.07 -0.60
CA GLU A 772 -10.12 27.88 -1.02
C GLU A 772 -8.80 27.69 -0.28
N SER A 773 -8.20 28.79 0.18
CA SER A 773 -6.96 28.69 0.95
C SER A 773 -7.17 28.00 2.30
N LYS A 774 -8.43 27.79 2.68
CA LYS A 774 -8.72 27.18 3.97
C LYS A 774 -9.09 25.69 3.89
N TRP A 775 -9.19 25.13 2.69
CA TRP A 775 -9.65 23.74 2.57
C TRP A 775 -9.12 22.92 1.38
N VAL A 776 -8.72 23.57 0.29
CA VAL A 776 -8.35 22.83 -0.91
C VAL A 776 -7.10 21.96 -0.73
N GLU A 777 -6.06 22.51 -0.13
CA GLU A 777 -4.85 21.73 0.09
C GLU A 777 -5.11 20.54 0.99
N GLU A 778 -5.96 20.72 2.01
CA GLU A 778 -6.31 19.65 2.94
C GLU A 778 -6.93 18.49 2.15
N LEU A 779 -7.79 18.81 1.18
CA LEU A 779 -8.38 17.79 0.33
C LEU A 779 -7.32 17.07 -0.52
N MET A 780 -6.42 17.83 -1.11
CA MET A 780 -5.44 17.22 -2.00
C MET A 780 -4.52 16.26 -1.26
N LYS A 781 -4.13 16.65 -0.05
CA LYS A 781 -3.30 15.79 0.80
C LYS A 781 -3.95 14.43 1.04
N MET A 782 -5.27 14.44 1.24
CA MET A 782 -6.01 13.20 1.50
C MET A 782 -5.99 12.33 0.27
N HIS A 783 -5.91 12.96 -0.89
CA HIS A 783 -5.96 12.23 -2.15
C HIS A 783 -4.60 12.12 -2.84
N THR A 784 -3.55 12.18 -2.04
CA THR A 784 -2.21 11.90 -2.52
C THR A 784 -2.16 10.50 -3.14
N ALA A 785 -1.26 10.31 -4.11
CA ALA A 785 -1.21 9.07 -4.88
C ALA A 785 0.21 8.69 -5.32
N ARG A 786 0.43 7.41 -5.61
CA ARG A 786 1.66 6.97 -6.23
C ARG A 786 1.51 7.14 -7.74
N VAL A 787 2.62 7.41 -8.43
CA VAL A 787 2.59 7.40 -9.88
C VAL A 787 2.07 6.05 -10.38
N ARG A 788 2.47 4.98 -9.70
CA ARG A 788 2.00 3.65 -10.04
C ARG A 788 0.45 3.52 -10.02
N ASP A 789 -0.19 4.21 -9.08
CA ASP A 789 -1.65 4.19 -9.00
C ASP A 789 -2.27 4.78 -10.28
N ILE A 790 -1.69 5.89 -10.72
CA ILE A 790 -2.14 6.61 -11.90
C ILE A 790 -1.91 5.75 -13.12
N GLU A 791 -0.79 5.03 -13.16
CA GLU A 791 -0.52 4.14 -14.28
C GLU A 791 -1.61 3.06 -14.43
N HIS A 792 -2.02 2.46 -13.31
CA HIS A 792 -3.09 1.48 -13.33
C HIS A 792 -4.36 2.07 -13.88
N LEU A 793 -4.65 3.30 -13.47
CA LEU A 793 -5.91 3.95 -13.79
C LEU A 793 -5.93 4.52 -15.20
N THR A 794 -4.76 4.70 -15.83
CA THR A 794 -4.71 5.37 -17.14
C THR A 794 -4.21 4.50 -18.29
N GLY A 795 -3.58 3.39 -17.97
CA GLY A 795 -2.91 2.59 -18.95
C GLY A 795 -1.68 3.26 -19.57
N LEU A 796 -1.14 4.27 -18.88
CA LEU A 796 0.09 4.95 -19.31
C LEU A 796 1.31 4.46 -18.52
N ASP A 797 2.50 4.64 -19.10
CA ASP A 797 3.76 4.27 -18.45
C ASP A 797 4.70 5.47 -18.49
N PHE A 798 5.04 5.99 -17.32
CA PHE A 798 5.80 7.24 -17.20
C PHE A 798 7.29 7.04 -16.99
N TYR A 799 8.05 8.12 -17.12
CA TYR A 799 9.49 8.13 -16.86
C TYR A 799 10.29 7.13 -17.69
N ARG A 800 9.93 6.95 -18.95
CA ARG A 800 10.65 5.98 -19.77
C ARG A 800 12.03 6.47 -20.27
N LYS A 801 12.21 7.79 -20.38
CA LYS A 801 13.49 8.35 -20.83
C LYS A 801 14.16 9.20 -19.75
N THR A 802 15.01 8.57 -18.93
CA THR A 802 15.72 9.29 -17.87
C THR A 802 17.15 8.80 -17.83
N SER A 803 17.97 9.44 -17.01
CA SER A 803 19.36 9.01 -16.80
C SER A 803 19.52 8.03 -15.63
N ARG A 804 18.39 7.52 -15.12
CA ARG A 804 18.40 6.65 -13.95
C ARG A 804 18.14 5.19 -14.32
N SER A 805 18.55 4.26 -13.44
CA SER A 805 18.24 2.85 -13.67
C SER A 805 16.72 2.62 -13.67
N TYR A 806 16.26 1.60 -14.38
CA TYR A 806 14.84 1.31 -14.38
C TYR A 806 14.38 0.92 -12.98
N SER A 807 15.24 0.23 -12.22
CA SER A 807 14.89 -0.18 -10.86
C SER A 807 14.68 1.02 -9.94
N GLU A 808 15.46 2.08 -10.16
CA GLU A 808 15.34 3.28 -9.36
C GLU A 808 14.04 4.00 -9.71
N ILE A 809 13.69 3.99 -10.99
CA ILE A 809 12.46 4.63 -11.46
C ILE A 809 11.24 3.90 -10.88
N LEU A 810 11.31 2.57 -10.81
CA LEU A 810 10.23 1.77 -10.22
C LEU A 810 10.03 2.19 -8.76
N THR A 811 11.12 2.33 -8.03
CA THR A 811 11.06 2.90 -6.68
C THR A 811 10.36 4.27 -6.66
N LEU A 812 10.71 5.16 -7.59
CA LEU A 812 10.12 6.48 -7.68
C LEU A 812 8.60 6.41 -7.88
N LYS A 813 8.17 5.54 -8.79
CA LYS A 813 6.76 5.39 -9.10
C LYS A 813 5.91 4.80 -7.96
N THR A 814 6.55 4.11 -7.02
CA THR A 814 5.81 3.55 -5.86
C THR A 814 5.79 4.47 -4.64
N TYR A 815 6.54 5.58 -4.74
CA TYR A 815 6.62 6.56 -3.67
C TYR A 815 5.26 7.21 -3.43
N LEU A 816 4.90 7.38 -2.16
CA LEU A 816 3.69 8.10 -1.80
C LEU A 816 4.09 9.26 -0.90
N HIS A 817 3.72 10.47 -1.30
CA HIS A 817 3.98 11.62 -0.44
C HIS A 817 2.84 11.72 0.56
N THR A 818 3.13 11.51 1.84
CA THR A 818 2.05 11.35 2.81
C THR A 818 1.68 12.59 3.60
N TYR A 819 2.58 13.58 3.60
CA TYR A 819 2.31 14.84 4.33
C TYR A 819 2.15 14.66 5.84
N GLU A 820 2.73 13.61 6.41
CA GLU A 820 2.72 13.42 7.85
C GLU A 820 4.00 14.00 8.47
C1 NAG B . -8.47 -45.57 15.89
C2 NAG B . -8.84 -46.79 15.05
C3 NAG B . -8.48 -48.09 15.75
C4 NAG B . -7.05 -48.05 16.28
C5 NAG B . -6.77 -46.78 17.08
C6 NAG B . -5.28 -46.69 17.40
C7 NAG B . -10.74 -46.76 13.50
C8 NAG B . -9.87 -47.32 12.41
N2 NAG B . -10.26 -46.77 14.74
O3 NAG B . -8.61 -49.15 14.82
O4 NAG B . -6.80 -49.17 17.11
O5 NAG B . -7.12 -45.63 16.34
O6 NAG B . -4.55 -46.60 16.20
O7 NAG B . -11.85 -46.31 13.22
C1 NAG B . -6.06 -50.18 16.39
C2 NAG B . -5.27 -51.03 17.40
C3 NAG B . -4.83 -52.40 16.88
C4 NAG B . -5.88 -53.04 15.98
C5 NAG B . -6.28 -52.04 14.92
C6 NAG B . -7.26 -52.65 13.91
C7 NAG B . -3.94 -49.87 19.05
C8 NAG B . -2.67 -49.14 19.35
N2 NAG B . -4.11 -50.28 17.80
O3 NAG B . -4.54 -53.25 17.96
O4 NAG B . -5.34 -54.21 15.40
O5 NAG B . -6.90 -50.93 15.54
O6 NAG B . -8.55 -52.74 14.48
O7 NAG B . -4.78 -50.06 19.92
C1 NAG C . -3.88 -6.22 -7.91
C2 NAG C . -4.62 -5.48 -9.03
C3 NAG C . -5.77 -6.35 -9.56
C4 NAG C . -5.36 -7.78 -9.88
C5 NAG C . -4.38 -8.32 -8.85
C6 NAG C . -3.72 -9.63 -9.27
C7 NAG C . -4.64 -3.01 -9.13
C8 NAG C . -5.33 -1.75 -8.69
N2 NAG C . -5.10 -4.17 -8.63
O3 NAG C . -6.32 -5.74 -10.70
O4 NAG C . -6.52 -8.58 -9.81
O5 NAG C . -3.36 -7.38 -8.52
O6 NAG C . -3.08 -9.48 -10.52
O7 NAG C . -3.71 -2.93 -9.94
C1 NAG C . -6.81 -9.25 -11.04
C2 NAG C . -7.71 -10.42 -10.66
C3 NAG C . -8.14 -11.19 -11.90
C4 NAG C . -8.68 -10.26 -12.98
C5 NAG C . -7.78 -9.03 -13.18
C6 NAG C . -8.41 -8.00 -14.10
C7 NAG C . -7.14 -11.29 -8.43
C8 NAG C . -6.42 -12.35 -7.65
N2 NAG C . -6.98 -11.31 -9.77
O3 NAG C . -9.09 -12.16 -11.50
O4 NAG C . -8.73 -10.95 -14.22
O5 NAG C . -7.45 -8.40 -11.95
O6 NAG C . -9.73 -7.72 -13.68
O7 NAG C . -7.82 -10.45 -7.84
C1 BMA C . -10.03 -11.54 -14.43
C2 BMA C . -10.36 -11.46 -15.92
C3 BMA C . -11.71 -12.11 -16.22
C4 BMA C . -11.76 -13.50 -15.60
C5 BMA C . -11.35 -13.43 -14.13
C6 BMA C . -11.36 -14.79 -13.43
O2 BMA C . -9.35 -12.15 -16.64
O3 BMA C . -11.93 -12.19 -17.62
O4 BMA C . -13.09 -14.00 -15.72
O5 BMA C . -10.05 -12.89 -14.04
O6 BMA C . -10.63 -14.69 -12.23
C1 MAN C . -10.73 -15.92 -11.48
C2 MAN C . -10.99 -15.64 -10.01
C3 MAN C . -9.79 -14.93 -9.36
C4 MAN C . -8.54 -15.77 -9.61
C5 MAN C . -8.39 -16.08 -11.11
C6 MAN C . -7.14 -16.95 -11.31
O2 MAN C . -11.24 -16.85 -9.32
O3 MAN C . -9.95 -14.78 -7.97
O4 MAN C . -7.40 -15.07 -9.16
O5 MAN C . -9.56 -16.71 -11.61
O6 MAN C . -7.18 -18.09 -10.49
C1 MAN C . -10.91 -13.72 -7.71
C2 MAN C . -10.50 -12.92 -6.48
C3 MAN C . -10.50 -13.83 -5.26
C4 MAN C . -11.81 -14.61 -5.14
C5 MAN C . -12.25 -15.22 -6.47
C6 MAN C . -13.66 -15.81 -6.37
O2 MAN C . -11.44 -11.87 -6.30
O3 MAN C . -10.35 -13.07 -4.08
O4 MAN C . -11.66 -15.65 -4.19
O5 MAN C . -12.21 -14.24 -7.50
O6 MAN C . -14.66 -14.83 -6.54
C1 MAN C . -10.92 -10.59 -6.71
C2 MAN C . -11.71 -9.51 -5.98
C3 MAN C . -13.16 -9.56 -6.44
C4 MAN C . -13.19 -9.36 -7.96
C5 MAN C . -12.31 -10.42 -8.62
C6 MAN C . -12.27 -10.24 -10.13
O2 MAN C . -11.22 -8.22 -6.30
O3 MAN C . -13.89 -8.54 -5.80
O4 MAN C . -14.51 -9.48 -8.45
O5 MAN C . -10.99 -10.37 -8.11
O6 MAN C . -11.90 -11.48 -10.70
C1 NAG D . -31.41 12.96 10.60
C2 NAG D . -32.35 11.81 10.90
C3 NAG D . -33.76 12.31 11.25
C4 NAG D . -33.71 13.41 12.30
C5 NAG D . -32.66 14.44 11.95
C6 NAG D . -32.50 15.43 13.09
C7 NAG D . -31.90 9.63 9.89
C8 NAG D . -32.04 8.75 8.69
N2 NAG D . -32.37 10.89 9.78
O3 NAG D . -34.53 11.24 11.73
O4 NAG D . -34.95 14.09 12.40
O5 NAG D . -31.41 13.84 11.70
O6 NAG D . -31.52 16.36 12.71
O7 NAG D . -31.39 9.18 10.91
C1 NAG D . -35.72 13.58 13.51
C2 NAG D . -36.46 14.76 14.16
C3 NAG D . -37.76 14.39 14.87
C4 NAG D . -38.58 13.42 14.04
C5 NAG D . -37.75 12.20 13.69
C6 NAG D . -38.49 11.28 12.72
C7 NAG D . -35.30 16.75 14.98
C8 NAG D . -34.79 17.42 16.21
N2 NAG D . -35.56 15.45 15.09
O3 NAG D . -38.52 15.56 15.12
O4 NAG D . -39.74 13.06 14.77
O5 NAG D . -36.55 12.55 13.04
O6 NAG D . -37.99 11.53 11.43
O7 NAG D . -35.45 17.38 13.93
ZN ZN E . -2.25 -7.17 14.36
ZN ZN F . -4.60 -5.27 17.61
CA CA G . -12.12 0.62 -13.97
NA NA H . -18.88 21.37 1.99
K K I . -22.94 24.73 -18.09
S SCN J . -19.07 -8.09 9.96
C SCN J . -19.62 -7.83 11.68
N SCN J . -19.96 -7.64 12.78
S SCN K . -11.95 -4.49 10.02
C SCN K . -12.55 -4.93 11.64
N SCN K . -12.93 -5.28 12.70
C1 EDO L . 5.74 -0.49 -13.91
O1 EDO L . 5.69 0.87 -13.46
C2 EDO L . 5.87 -0.50 -15.43
O2 EDO L . 6.85 0.46 -15.83
C1 EDO M . 23.22 -8.55 7.01
O1 EDO M . 22.41 -8.29 5.84
C2 EDO M . 24.61 -7.92 6.89
O2 EDO M . 25.41 -8.53 5.86
C1 EDO N . -8.33 25.14 -15.45
O1 EDO N . -9.61 25.68 -15.13
C2 EDO N . -7.48 26.17 -16.12
O2 EDO N . -7.09 27.10 -15.11
C1 EDO O . -10.57 5.56 -20.35
O1 EDO O . -10.27 4.77 -19.18
C2 EDO O . -9.29 6.08 -20.97
O2 EDO O . -8.49 4.96 -21.37
C1 EDO P . 17.28 4.86 12.35
O1 EDO P . 17.57 4.81 10.94
C2 EDO P . 18.57 4.98 13.17
O2 EDO P . 19.44 6.00 12.62
C1 EDO Q . -17.89 11.36 -12.82
O1 EDO Q . -18.93 10.53 -12.31
C2 EDO Q . -18.17 12.80 -12.40
O2 EDO Q . -18.47 12.81 -10.99
C1 EDO R . -11.17 11.40 9.50
O1 EDO R . -10.23 12.32 10.06
C2 EDO R . -11.33 11.74 8.02
O2 EDO R . -10.10 11.44 7.34
C1 EDO S . -24.54 -1.80 1.51
O1 EDO S . -23.25 -2.12 1.00
C2 EDO S . -24.42 -1.20 2.91
O2 EDO S . -23.63 -0.01 2.91
C1 EDO T . -15.57 7.39 -25.39
O1 EDO T . -16.46 6.34 -24.97
C2 EDO T . -16.27 8.25 -26.44
O2 EDO T . -17.28 9.08 -25.83
C1 EDO U . 10.69 10.79 -4.19
O1 EDO U . 9.81 11.93 -4.25
C2 EDO U . 11.87 11.11 -3.30
O2 EDO U . 11.43 11.96 -2.23
C1 EDO V . -3.04 -1.88 -20.14
O1 EDO V . -4.00 -2.94 -19.97
C2 EDO V . -3.21 -0.84 -19.04
O2 EDO V . -4.54 -0.28 -19.08
C1 EDO W . -25.27 16.67 16.61
O1 EDO W . -24.52 15.51 16.96
C2 EDO W . -25.80 16.51 15.19
O2 EDO W . -26.29 17.78 14.72
C1 EDO X . -13.71 17.97 -5.36
O1 EDO X . -13.53 16.55 -5.19
C2 EDO X . -15.13 18.25 -5.87
O2 EDO X . -15.33 17.68 -7.16
C1 EDO Y . -10.38 15.72 3.09
O1 EDO Y . -10.37 15.22 4.43
C2 EDO Y . -11.38 16.86 2.99
O2 EDO Y . -11.31 17.70 4.15
C1 EDO Z . -15.37 -12.45 -3.52
O1 EDO Z . -14.84 -11.91 -4.73
C2 EDO Z . -14.74 -11.71 -2.35
O2 EDO Z . -13.31 -11.86 -2.39
C1 EDO AA . 7.86 15.62 -3.63
O1 EDO AA . 8.21 14.62 -2.66
C2 EDO AA . 8.15 17.01 -3.08
O2 EDO AA . 7.18 17.35 -2.07
C1 EDO BA . -17.22 9.35 -8.31
O1 EDO BA . -16.63 8.11 -8.74
C2 EDO BA . -16.17 10.45 -8.38
O2 EDO BA . -14.95 9.88 -7.90
C1 EDO CA . 25.87 -4.76 0.22
O1 EDO CA . 25.90 -4.03 1.45
C2 EDO CA . 26.10 -3.81 -0.95
O2 EDO CA . 25.77 -4.46 -2.18
S SO4 DA . -6.15 -7.13 15.82
O1 SO4 DA . -4.77 -7.32 16.25
O2 SO4 DA . -6.06 -6.78 14.39
O3 SO4 DA . -6.80 -6.08 16.59
O4 SO4 DA . -6.94 -8.36 16.00
CAK DWV EA . -3.54 -16.14 15.08
CAI DWV EA . -4.38 -15.30 15.97
NAU DWV EA . -5.08 -14.28 15.26
CAA DWV EA . -6.22 -13.67 15.85
CAJ DWV EA . -4.17 -13.45 14.53
CAL DWV EA . -3.49 -14.24 13.47
NAV DWV EA . -2.94 -15.46 13.97
CAR DWV EA . -1.74 -16.04 13.42
SAN DWV EA . -0.87 -15.62 11.97
NAM DWV EA . -1.06 -17.06 14.00
CAS DWV EA . 0.09 -17.48 13.35
OAB DWV EA . 0.90 -18.49 13.81
CAT DWV EA . 0.39 -16.76 12.12
CAE DWV EA . 1.62 -17.09 11.25
CAO DWV EA . 1.89 -16.24 9.98
CAH DWV EA . 0.87 -16.01 8.97
CAQ DWV EA . 1.16 -15.30 7.89
CLD DWV EA . -0.09 -15.02 6.72
CAP DWV EA . 2.47 -14.79 7.72
CLC DWV EA . 2.94 -13.88 6.37
CAG DWV EA . 3.46 -15.05 8.72
CAF DWV EA . 3.17 -15.76 9.81
#